data_4MKY
#
_entry.id   4MKY
#
_cell.length_a   87.580
_cell.length_b   80.110
_cell.length_c   118.390
_cell.angle_alpha   90.00
_cell.angle_beta   111.62
_cell.angle_gamma   90.00
#
_symmetry.space_group_name_H-M   'P 1 21 1'
#
loop_
_entity.id
_entity.type
_entity.pdbx_description
1 polymer 'DNA ligase-like protein Rv0938/MT0965'
2 polymer "5'-D(P*DGP*DCP*DGP*DGP*DC)-3'"
3 polymer "5'-D(*DGP*DCP*DCP*DGP*DCP*DAP*DGP*DTP*DAP*DC)-3'"
4 water water
#
loop_
_entity_poly.entity_id
_entity_poly.type
_entity_poly.pdbx_seq_one_letter_code
_entity_poly.pdbx_strand_id
1 'polypeptide(L)'
;GSHMGSASEQRVTLTNADKVLYPATGTTKSDIFDYYAGVAEVMLGHIAGRPATRKRWPNGVDQPAFFEKQLALSAPPWLS
RATVAHRSGTTTYPIIDSATGLAWIAQQAALEVHVPQWRFVAEPGSGELNPGPATRLVFDLDPGEGVMMAQLAEVARAVR
DLLADIGLVTFPVTSGSKGLHLYTPLDEPVSSRGATVLAKRVAQRLEQAMPALVTSTMTKSLRAGKVFVDWSQNSGSKTT
IAPYSLRGRTHPTVAAPRTWAELDDPALRQLSYDEVLTRIARDGDLLERLDADAPVADRLTRY
;
A,B,C,D
2 'polydeoxyribonucleotide' (DG)(DC)(DG)(DG)(DC) E,G,I,K
3 'polydeoxyribonucleotide' (DG)(DC)(DC)(DG)(DC)(DA)(DG)(DT)(DA)(DC) F,H,J,L
#
loop_
_chem_comp.id
_chem_comp.type
_chem_comp.name
_chem_comp.formula
DA DNA linking 2'-DEOXYADENOSINE-5'-MONOPHOSPHATE 'C10 H14 N5 O6 P'
DC DNA linking 2'-DEOXYCYTIDINE-5'-MONOPHOSPHATE 'C9 H14 N3 O7 P'
DG DNA linking 2'-DEOXYGUANOSINE-5'-MONOPHOSPHATE 'C10 H14 N5 O7 P'
DT DNA linking THYMIDINE-5'-MONOPHOSPHATE 'C10 H15 N2 O8 P'
#
# COMPACT_ATOMS: atom_id res chain seq x y z
N GLN A 10 -13.38 24.22 -18.95
CA GLN A 10 -14.45 24.79 -19.82
C GLN A 10 -14.35 26.32 -19.96
N ARG A 11 -15.25 27.06 -19.31
CA ARG A 11 -15.33 28.51 -19.48
C ARG A 11 -15.39 29.28 -18.16
N VAL A 12 -14.67 30.40 -18.12
CA VAL A 12 -14.59 31.24 -16.93
C VAL A 12 -14.53 32.71 -17.33
N THR A 13 -15.49 33.50 -16.86
CA THR A 13 -15.46 34.95 -17.10
C THR A 13 -14.63 35.64 -16.03
N LEU A 14 -13.63 36.39 -16.45
CA LEU A 14 -12.82 37.14 -15.51
C LEU A 14 -13.59 38.36 -15.04
N THR A 15 -13.69 38.49 -13.73
CA THR A 15 -14.47 39.59 -13.14
C THR A 15 -13.56 40.64 -12.52
N ASN A 16 -14.00 41.89 -12.52
CA ASN A 16 -13.20 42.96 -11.94
C ASN A 16 -11.74 42.88 -12.35
N ALA A 17 -11.47 42.48 -13.59
CA ALA A 17 -10.13 42.58 -14.16
C ALA A 17 -9.56 43.95 -13.83
N ASP A 18 -8.24 44.04 -13.73
CA ASP A 18 -7.54 45.33 -13.54
C ASP A 18 -7.92 46.07 -12.23
N LYS A 19 -8.64 45.38 -11.34
CA LYS A 19 -8.73 45.80 -9.95
C LYS A 19 -7.51 45.27 -9.17
N VAL A 20 -7.01 46.05 -8.22
CA VAL A 20 -5.74 45.74 -7.56
C VAL A 20 -5.90 44.78 -6.39
N LEU A 21 -4.94 43.87 -6.26
CA LEU A 21 -4.93 42.90 -5.18
C LEU A 21 -3.69 43.08 -4.33
N TYR A 22 -2.55 43.35 -4.98
CA TYR A 22 -1.35 43.72 -4.28
C TYR A 22 -1.11 45.22 -4.45
N PRO A 23 -1.51 46.02 -3.45
CA PRO A 23 -1.39 47.47 -3.55
C PRO A 23 0.05 47.92 -3.67
N ALA A 24 0.94 47.25 -2.95
CA ALA A 24 2.33 47.66 -2.91
C ALA A 24 2.98 47.63 -4.29
N THR A 25 2.57 46.70 -5.14
CA THR A 25 3.17 46.57 -6.46
C THR A 25 2.22 47.04 -7.54
N GLY A 26 0.94 47.17 -7.20
CA GLY A 26 -0.06 47.56 -8.17
C GLY A 26 -0.49 46.40 -9.05
N THR A 27 -0.45 45.20 -8.49
CA THR A 27 -0.77 43.99 -9.24
C THR A 27 -2.29 43.78 -9.34
N THR A 28 -2.76 43.60 -10.56
CA THR A 28 -4.19 43.46 -10.79
C THR A 28 -4.63 42.02 -11.00
N LYS A 29 -5.95 41.81 -10.96
CA LYS A 29 -6.56 40.51 -11.25
C LYS A 29 -6.18 40.00 -12.64
N SER A 30 -6.06 40.93 -13.58
CA SER A 30 -5.63 40.58 -14.91
C SER A 30 -4.27 39.90 -14.87
N ASP A 31 -3.32 40.51 -14.16
CA ASP A 31 -2.00 39.93 -13.99
C ASP A 31 -2.12 38.54 -13.41
N ILE A 32 -2.76 38.42 -12.25
CA ILE A 32 -3.00 37.12 -11.63
C ILE A 32 -3.58 36.13 -12.66
N PHE A 33 -4.58 36.58 -13.42
CA PHE A 33 -5.22 35.73 -14.42
C PHE A 33 -4.20 35.21 -15.43
N ASP A 34 -3.34 36.11 -15.89
CA ASP A 34 -2.35 35.80 -16.90
C ASP A 34 -1.28 34.91 -16.31
N TYR A 35 -0.89 35.22 -15.08
CA TYR A 35 0.16 34.45 -14.45
C TYR A 35 -0.20 32.98 -14.36
N TYR A 36 -1.38 32.67 -13.83
CA TYR A 36 -1.80 31.27 -13.67
C TYR A 36 -1.95 30.63 -15.04
N ALA A 37 -2.52 31.37 -15.98
CA ALA A 37 -2.48 30.97 -17.37
C ALA A 37 -1.06 30.67 -17.82
N GLY A 38 -0.10 31.47 -17.35
CA GLY A 38 1.29 31.34 -17.79
C GLY A 38 1.97 30.09 -17.27
N VAL A 39 1.71 29.74 -16.01
CA VAL A 39 2.35 28.62 -15.33
C VAL A 39 1.52 27.34 -15.40
N ALA A 40 0.40 27.42 -16.12
CA ALA A 40 -0.52 26.28 -16.24
C ALA A 40 0.20 24.96 -16.53
N GLU A 41 1.02 24.98 -17.57
CA GLU A 41 1.69 23.77 -18.03
C GLU A 41 2.66 23.19 -16.98
N VAL A 42 3.50 24.04 -16.43
CA VAL A 42 4.43 23.60 -15.39
C VAL A 42 3.80 23.34 -14.03
N MET A 43 2.63 23.94 -13.75
CA MET A 43 2.07 23.82 -12.39
C MET A 43 1.12 22.61 -12.23
N LEU A 44 0.27 22.41 -13.23
CA LEU A 44 -0.76 21.38 -13.17
C LEU A 44 -0.32 20.00 -12.65
N GLY A 45 0.71 19.42 -13.26
CA GLY A 45 1.21 18.12 -12.84
C GLY A 45 1.38 17.96 -11.34
N HIS A 46 1.76 19.04 -10.67
CA HIS A 46 2.03 18.96 -9.24
C HIS A 46 0.81 19.22 -8.36
N ILE A 47 -0.35 19.48 -8.97
CA ILE A 47 -1.58 19.62 -8.17
C ILE A 47 -2.75 18.76 -8.64
N ALA A 48 -2.70 18.28 -9.88
CA ALA A 48 -3.74 17.42 -10.43
C ALA A 48 -3.83 16.16 -9.59
N GLY A 49 -5.06 15.77 -9.24
CA GLY A 49 -5.29 14.54 -8.47
C GLY A 49 -5.46 14.81 -7.00
N ARG A 50 -5.14 16.05 -6.59
CA ARG A 50 -5.12 16.43 -5.19
C ARG A 50 -6.24 17.39 -4.89
N PRO A 51 -6.82 17.28 -3.66
CA PRO A 51 -7.79 18.24 -3.18
C PRO A 51 -7.10 19.58 -3.03
N ALA A 52 -7.75 20.63 -3.53
CA ALA A 52 -7.16 21.96 -3.49
C ALA A 52 -7.76 22.80 -2.38
N THR A 53 -6.97 23.16 -1.37
CA THR A 53 -7.41 24.13 -0.38
C THR A 53 -7.07 25.54 -0.86
N ARG A 54 -8.02 26.47 -0.74
CA ARG A 54 -7.81 27.84 -1.20
C ARG A 54 -7.68 28.79 -0.05
N LYS A 55 -6.72 29.72 -0.15
CA LYS A 55 -6.76 30.92 0.66
C LYS A 55 -7.07 32.11 -0.25
N ARG A 56 -8.22 32.74 -0.05
CA ARG A 56 -8.65 33.78 -0.99
C ARG A 56 -8.63 35.20 -0.40
N TRP A 57 -8.03 36.12 -1.13
CA TRP A 57 -8.03 37.55 -0.75
C TRP A 57 -8.83 38.41 -1.73
N PRO A 58 -10.15 38.24 -1.77
CA PRO A 58 -10.98 38.97 -2.76
C PRO A 58 -10.79 40.49 -2.74
N ASN A 59 -10.52 41.05 -1.57
CA ASN A 59 -10.33 42.49 -1.47
C ASN A 59 -8.87 42.81 -1.34
N GLY A 60 -8.07 42.06 -2.08
CA GLY A 60 -6.63 42.30 -2.12
C GLY A 60 -5.94 41.89 -0.84
N VAL A 61 -4.65 42.18 -0.78
CA VAL A 61 -3.82 41.62 0.26
C VAL A 61 -3.74 42.47 1.53
N ASP A 62 -4.49 43.56 1.56
CA ASP A 62 -4.52 44.39 2.77
C ASP A 62 -5.80 44.13 3.55
N GLN A 63 -6.61 43.19 3.06
CA GLN A 63 -7.95 42.97 3.62
C GLN A 63 -8.16 41.49 3.94
N PRO A 64 -8.98 41.22 4.97
CA PRO A 64 -9.15 39.86 5.46
C PRO A 64 -9.20 38.82 4.32
N ALA A 65 -8.61 37.67 4.60
CA ALA A 65 -8.68 36.53 3.68
C ALA A 65 -9.39 35.44 4.43
N PHE A 66 -9.53 34.28 3.81
CA PHE A 66 -10.12 33.15 4.50
C PHE A 66 -9.72 31.83 3.86
N PHE A 67 -9.56 30.82 4.69
CA PHE A 67 -9.29 29.49 4.18
C PHE A 67 -10.58 28.87 3.70
N GLU A 68 -10.57 28.32 2.49
CA GLU A 68 -11.74 27.61 2.01
C GLU A 68 -11.37 26.23 1.49
N LYS A 69 -12.13 25.23 1.91
CA LYS A 69 -11.88 23.87 1.49
C LYS A 69 -13.08 23.34 0.74
N GLN A 70 -14.24 23.45 1.39
CA GLN A 70 -15.49 22.94 0.85
C GLN A 70 -15.78 23.70 -0.42
N LEU A 71 -16.31 23.00 -1.42
CA LEU A 71 -16.59 23.61 -2.71
C LEU A 71 -17.99 24.17 -2.76
N ALA A 72 -18.13 25.43 -3.15
CA ALA A 72 -19.45 26.07 -3.22
C ALA A 72 -20.36 25.36 -4.22
N LEU A 73 -21.67 25.44 -3.98
CA LEU A 73 -22.64 24.83 -4.86
C LEU A 73 -22.74 25.64 -6.14
N SER A 74 -22.29 26.88 -6.07
CA SER A 74 -22.34 27.79 -7.20
C SER A 74 -21.17 27.54 -8.15
N ALA A 75 -20.20 26.74 -7.71
CA ALA A 75 -18.99 26.50 -8.47
C ALA A 75 -19.30 25.73 -9.75
N PRO A 76 -18.54 26.01 -10.82
CA PRO A 76 -18.76 25.42 -12.13
C PRO A 76 -18.92 23.91 -12.03
N PRO A 77 -19.94 23.35 -12.69
CA PRO A 77 -20.22 21.91 -12.68
C PRO A 77 -19.09 21.09 -13.30
N TRP A 78 -18.36 21.67 -14.24
CA TRP A 78 -17.31 20.95 -14.93
C TRP A 78 -16.05 20.71 -14.08
N LEU A 79 -15.94 21.38 -12.93
CA LEU A 79 -14.84 21.15 -12.00
C LEU A 79 -14.87 19.75 -11.43
N SER A 80 -13.68 19.15 -11.34
CA SER A 80 -13.47 17.86 -10.69
C SER A 80 -13.66 17.95 -9.18
N ARG A 81 -14.27 16.92 -8.61
CA ARG A 81 -14.66 16.90 -7.20
C ARG A 81 -14.16 15.63 -6.58
N ALA A 82 -14.08 15.64 -5.26
CA ALA A 82 -13.96 14.40 -4.50
C ALA A 82 -14.17 14.71 -3.03
N THR A 83 -14.71 13.75 -2.28
CA THR A 83 -15.07 13.97 -0.88
C THR A 83 -14.18 13.23 0.11
N VAL A 84 -13.73 13.94 1.15
CA VAL A 84 -13.01 13.29 2.23
C VAL A 84 -13.83 13.32 3.50
N ALA A 85 -13.86 12.21 4.23
CA ALA A 85 -14.56 12.12 5.51
C ALA A 85 -13.71 12.79 6.59
N HIS A 86 -14.31 13.78 7.26
CA HIS A 86 -13.56 14.60 8.22
C HIS A 86 -14.12 14.46 9.62
N ARG A 87 -14.54 13.25 10.00
CA ARG A 87 -14.88 12.98 11.41
C ARG A 87 -15.94 13.93 11.97
N SER A 88 -15.64 15.23 11.97
CA SER A 88 -16.64 16.22 12.39
C SER A 88 -17.76 16.30 11.36
N GLY A 89 -17.46 15.88 10.13
CA GLY A 89 -18.44 15.95 9.05
C GLY A 89 -17.78 15.60 7.73
N THR A 90 -18.28 16.17 6.64
CA THR A 90 -17.78 15.73 5.35
C THR A 90 -17.42 16.91 4.45
N THR A 91 -16.27 16.82 3.80
CA THR A 91 -15.84 17.88 2.89
C THR A 91 -15.61 17.34 1.49
N THR A 92 -16.12 18.04 0.49
CA THR A 92 -15.82 17.67 -0.87
C THR A 92 -15.08 18.82 -1.57
N TYR A 93 -13.84 18.57 -1.90
CA TYR A 93 -12.92 19.57 -2.43
C TYR A 93 -13.05 19.61 -3.93
N PRO A 94 -12.57 20.71 -4.54
CA PRO A 94 -12.24 20.77 -5.95
C PRO A 94 -10.86 20.17 -6.23
N ILE A 95 -10.73 19.46 -7.35
CA ILE A 95 -9.41 19.13 -7.84
C ILE A 95 -9.15 20.01 -9.04
N ILE A 96 -8.01 20.70 -9.05
CA ILE A 96 -7.62 21.47 -10.22
C ILE A 96 -6.81 20.59 -11.16
N ASP A 97 -7.21 20.52 -12.44
CA ASP A 97 -6.51 19.66 -13.38
C ASP A 97 -6.57 20.16 -14.82
N SER A 98 -6.94 21.42 -15.01
CA SER A 98 -6.94 21.99 -16.38
C SER A 98 -6.67 23.48 -16.37
N ALA A 99 -6.15 23.98 -17.48
CA ALA A 99 -5.89 25.42 -17.64
C ALA A 99 -7.09 26.25 -17.24
N THR A 100 -8.29 25.74 -17.48
CA THR A 100 -9.49 26.50 -17.16
C THR A 100 -9.80 26.45 -15.65
N GLY A 101 -9.28 25.42 -14.98
CA GLY A 101 -9.40 25.32 -13.53
C GLY A 101 -8.61 26.39 -12.80
N LEU A 102 -7.46 26.75 -13.33
CA LEU A 102 -6.65 27.81 -12.72
C LEU A 102 -7.21 29.19 -13.09
N ALA A 103 -7.91 29.27 -14.22
CA ALA A 103 -8.61 30.50 -14.55
C ALA A 103 -9.63 30.78 -13.45
N TRP A 104 -10.34 29.72 -13.04
CA TRP A 104 -11.37 29.85 -12.03
C TRP A 104 -10.73 30.24 -10.70
N ILE A 105 -9.62 29.58 -10.38
CA ILE A 105 -8.85 29.90 -9.19
C ILE A 105 -8.54 31.37 -9.21
N ALA A 106 -7.90 31.81 -10.30
CA ALA A 106 -7.58 33.21 -10.46
C ALA A 106 -8.82 34.08 -10.20
N GLN A 107 -9.93 33.73 -10.86
CA GLN A 107 -11.18 34.50 -10.74
C GLN A 107 -11.70 34.53 -9.32
N GLN A 108 -11.50 33.44 -8.58
CA GLN A 108 -11.99 33.33 -7.22
C GLN A 108 -11.20 34.27 -6.34
N ALA A 109 -10.12 34.80 -6.89
CA ALA A 109 -9.11 35.52 -6.11
C ALA A 109 -8.43 34.59 -5.11
N ALA A 110 -8.44 33.29 -5.40
CA ALA A 110 -7.75 32.31 -4.57
C ALA A 110 -6.27 32.45 -4.82
N LEU A 111 -5.65 33.46 -4.21
CA LEU A 111 -4.25 33.73 -4.49
C LEU A 111 -3.35 32.51 -4.25
N GLU A 112 -3.61 31.78 -3.17
CA GLU A 112 -2.77 30.63 -2.83
C GLU A 112 -3.49 29.31 -3.11
N VAL A 113 -2.75 28.29 -3.56
CA VAL A 113 -3.30 26.96 -3.68
C VAL A 113 -2.50 26.00 -2.79
N HIS A 114 -3.20 25.22 -1.96
CA HIS A 114 -2.56 24.33 -0.99
C HIS A 114 -2.98 22.87 -1.27
N VAL A 115 -2.02 21.97 -1.40
CA VAL A 115 -2.35 20.56 -1.59
C VAL A 115 -1.54 19.69 -0.63
N PRO A 116 -2.02 18.45 -0.40
CA PRO A 116 -1.27 17.51 0.41
C PRO A 116 -0.41 16.61 -0.49
N GLN A 117 0.45 15.78 0.08
CA GLN A 117 1.37 14.98 -0.73
C GLN A 117 0.79 13.68 -1.31
N TRP A 118 -0.52 13.52 -1.29
CA TRP A 118 -1.16 12.37 -1.94
C TRP A 118 -2.18 12.84 -2.98
N ARG A 119 -2.51 11.94 -3.93
CA ARG A 119 -3.61 12.13 -4.90
C ARG A 119 -4.79 11.21 -4.57
N PHE A 120 -5.94 11.51 -5.16
CA PHE A 120 -7.10 10.62 -5.11
C PHE A 120 -6.90 9.41 -6.05
N VAL A 121 -7.45 8.26 -5.66
CA VAL A 121 -7.44 7.06 -6.52
C VAL A 121 -8.84 6.44 -6.59
N ALA A 122 -9.25 6.08 -7.79
CA ALA A 122 -10.53 5.41 -8.02
C ALA A 122 -10.57 4.06 -7.34
N GLU A 123 -11.58 3.84 -6.51
CA GLU A 123 -11.75 2.55 -5.84
C GLU A 123 -12.31 1.54 -6.83
N PRO A 124 -11.92 0.26 -6.67
CA PRO A 124 -12.15 -0.76 -7.72
C PRO A 124 -13.56 -0.80 -8.29
N GLY A 125 -14.50 -1.41 -7.55
CA GLY A 125 -15.91 -1.42 -7.98
C GLY A 125 -16.52 -0.03 -8.03
N SER A 126 -16.13 0.83 -7.09
CA SER A 126 -16.71 2.18 -6.91
C SER A 126 -16.44 3.19 -8.04
N GLY A 127 -15.18 3.39 -8.38
CA GLY A 127 -14.83 4.54 -9.19
C GLY A 127 -14.84 5.80 -8.32
N GLU A 128 -15.16 5.60 -7.05
CA GLU A 128 -15.20 6.68 -6.08
C GLU A 128 -13.77 7.12 -5.73
N LEU A 129 -13.47 8.38 -6.03
CA LEU A 129 -12.15 8.90 -5.76
C LEU A 129 -11.95 9.03 -4.28
N ASN A 130 -11.01 8.24 -3.75
CA ASN A 130 -10.59 8.38 -2.36
C ASN A 130 -9.10 8.64 -2.26
N PRO A 131 -8.65 9.06 -1.07
CA PRO A 131 -7.28 9.46 -0.96
C PRO A 131 -6.36 8.25 -1.02
N GLY A 132 -5.32 8.33 -1.85
CA GLY A 132 -4.36 7.26 -2.01
C GLY A 132 -3.05 7.56 -1.31
N PRO A 133 -2.06 6.71 -1.48
CA PRO A 133 -0.78 6.94 -0.83
C PRO A 133 -0.06 8.25 -1.24
N ALA A 134 0.99 8.58 -0.51
CA ALA A 134 1.83 9.76 -0.81
C ALA A 134 2.68 9.54 -2.05
N THR A 135 2.67 10.48 -2.97
CA THR A 135 3.51 10.34 -4.16
C THR A 135 4.79 11.16 -4.04
N ARG A 136 4.93 11.92 -2.95
CA ARG A 136 6.13 12.76 -2.72
C ARG A 136 6.22 13.20 -1.25
N LEU A 137 7.45 13.28 -0.76
CA LEU A 137 7.72 13.79 0.57
C LEU A 137 7.95 15.27 0.44
N VAL A 138 7.49 16.02 1.44
CA VAL A 138 7.88 17.41 1.57
C VAL A 138 8.48 17.63 2.95
N PHE A 139 9.56 18.42 3.01
CA PHE A 139 10.05 19.02 4.25
C PHE A 139 9.76 20.51 4.17
N ASP A 140 9.30 21.07 5.29
CA ASP A 140 9.13 22.48 5.42
C ASP A 140 10.21 23.02 6.35
N LEU A 141 11.20 23.69 5.77
CA LEU A 141 12.25 24.29 6.58
C LEU A 141 11.83 25.65 6.97
N ASP A 142 11.55 25.80 8.25
CA ASP A 142 11.07 27.07 8.74
C ASP A 142 12.12 27.75 9.60
N PRO A 143 12.55 28.95 9.20
CA PRO A 143 13.58 29.65 9.97
C PRO A 143 13.03 30.32 11.21
N GLY A 144 13.49 29.90 12.39
CA GLY A 144 13.16 30.58 13.64
C GLY A 144 13.78 31.97 13.76
N GLU A 145 13.46 32.68 14.84
CA GLU A 145 13.98 34.03 15.10
C GLU A 145 15.49 34.06 14.92
N GLY A 146 15.98 35.07 14.20
CA GLY A 146 17.42 35.23 14.00
C GLY A 146 18.10 34.27 13.02
N VAL A 147 17.35 33.54 12.23
CA VAL A 147 18.01 32.59 11.38
C VAL A 147 18.26 33.20 10.03
N MET A 148 19.53 33.23 9.62
CA MET A 148 19.89 33.88 8.35
C MET A 148 19.93 32.93 7.17
N MET A 149 20.31 33.47 6.02
CA MET A 149 20.29 32.72 4.78
C MET A 149 21.18 31.49 4.82
N ALA A 150 22.47 31.71 5.14
CA ALA A 150 23.47 30.65 5.21
C ALA A 150 22.94 29.39 5.90
N GLN A 151 22.19 29.61 6.97
CA GLN A 151 21.76 28.53 7.83
C GLN A 151 20.62 27.75 7.20
N LEU A 152 19.68 28.44 6.60
CA LEU A 152 18.56 27.77 5.95
C LEU A 152 19.14 26.84 4.90
N ALA A 153 19.99 27.41 4.05
CA ALA A 153 20.65 26.69 2.98
C ALA A 153 21.45 25.51 3.50
N GLU A 154 22.30 25.77 4.47
CA GLU A 154 23.09 24.69 5.03
C GLU A 154 22.20 23.47 5.44
N VAL A 155 21.11 23.74 6.17
CA VAL A 155 20.24 22.68 6.66
C VAL A 155 19.57 21.88 5.52
N ALA A 156 19.10 22.59 4.49
CA ALA A 156 18.61 22.00 3.25
C ALA A 156 19.63 21.04 2.65
N ARG A 157 20.86 21.51 2.53
CA ARG A 157 21.94 20.64 2.04
C ARG A 157 22.14 19.39 2.90
N ALA A 158 21.92 19.53 4.19
CA ALA A 158 22.06 18.37 5.09
C ALA A 158 20.88 17.39 4.91
N VAL A 159 19.71 17.93 4.59
CA VAL A 159 18.55 17.07 4.41
C VAL A 159 18.73 16.27 3.13
N ARG A 160 19.01 17.00 2.05
CA ARG A 160 19.41 16.38 0.82
C ARG A 160 20.38 15.25 1.04
N ASP A 161 21.41 15.49 1.85
CA ASP A 161 22.42 14.45 2.11
C ASP A 161 21.75 13.20 2.68
N LEU A 162 20.99 13.38 3.76
CA LEU A 162 20.34 12.25 4.41
C LEU A 162 19.43 11.53 3.43
N LEU A 163 18.69 12.30 2.65
CA LEU A 163 17.79 11.72 1.71
C LEU A 163 18.54 10.93 0.65
N ALA A 164 19.69 11.44 0.20
CA ALA A 164 20.46 10.74 -0.79
C ALA A 164 21.09 9.50 -0.19
N ASP A 165 21.28 9.55 1.11
CA ASP A 165 21.79 8.38 1.81
C ASP A 165 20.81 7.21 1.87
N ILE A 166 19.55 7.45 1.54
CA ILE A 166 18.61 6.33 1.47
C ILE A 166 17.98 6.25 0.07
N GLY A 167 18.73 6.66 -0.94
CA GLY A 167 18.27 6.52 -2.32
C GLY A 167 17.18 7.46 -2.77
N LEU A 168 17.15 8.67 -2.23
CA LEU A 168 16.16 9.66 -2.67
C LEU A 168 16.78 10.98 -3.07
N VAL A 169 16.23 11.58 -4.13
CA VAL A 169 16.58 12.88 -4.66
C VAL A 169 15.71 13.98 -4.08
N THR A 170 16.15 15.23 -4.23
CA THR A 170 15.44 16.32 -3.57
C THR A 170 15.52 17.63 -4.30
N PHE A 171 14.35 18.28 -4.35
CA PHE A 171 14.16 19.53 -5.04
C PHE A 171 13.74 20.66 -4.13
N PRO A 172 14.51 21.76 -4.14
CA PRO A 172 14.26 22.95 -3.31
C PRO A 172 13.28 23.94 -3.94
N VAL A 173 12.34 24.43 -3.14
CA VAL A 173 11.35 25.43 -3.56
C VAL A 173 11.30 26.56 -2.54
N THR A 174 11.60 27.79 -2.94
CA THR A 174 11.43 28.91 -2.01
C THR A 174 9.95 29.23 -1.94
N SER A 175 9.46 29.32 -0.71
CA SER A 175 8.03 29.20 -0.45
C SER A 175 7.24 30.44 -0.77
N GLY A 176 7.93 31.57 -0.91
CA GLY A 176 7.26 32.82 -1.24
C GLY A 176 7.20 33.71 -0.01
N SER A 177 7.51 33.11 1.13
CA SER A 177 7.49 33.81 2.40
C SER A 177 8.84 33.90 3.05
N LYS A 178 9.06 32.94 3.94
CA LYS A 178 10.21 32.95 4.81
C LYS A 178 10.82 31.54 4.75
N GLY A 179 9.99 30.59 4.35
CA GLY A 179 10.36 29.20 4.47
C GLY A 179 10.99 28.69 3.22
N LEU A 180 11.57 27.50 3.32
CA LEU A 180 12.16 26.89 2.16
C LEU A 180 11.65 25.46 2.21
N HIS A 181 11.06 24.99 1.11
CA HIS A 181 10.48 23.64 1.05
C HIS A 181 11.27 22.72 0.16
N LEU A 182 11.24 21.44 0.51
CA LEU A 182 11.98 20.43 -0.21
C LEU A 182 11.03 19.30 -0.52
N TYR A 183 10.99 18.90 -1.80
CA TYR A 183 10.13 17.81 -2.22
C TYR A 183 10.98 16.68 -2.70
N THR A 184 10.45 15.46 -2.50
CA THR A 184 11.08 14.26 -2.92
C THR A 184 10.04 13.37 -3.57
N PRO A 185 10.35 12.85 -4.78
CA PRO A 185 9.51 11.90 -5.45
C PRO A 185 9.53 10.54 -4.76
N LEU A 186 8.39 9.88 -4.76
CA LEU A 186 8.35 8.53 -4.26
C LEU A 186 7.83 7.75 -5.45
N ASP A 187 8.72 7.38 -6.37
CA ASP A 187 8.27 6.70 -7.58
C ASP A 187 7.46 5.49 -7.17
N GLU A 188 7.66 5.04 -5.96
CA GLU A 188 6.84 3.98 -5.43
C GLU A 188 6.09 4.50 -4.21
N PRO A 189 4.78 4.80 -4.36
CA PRO A 189 4.08 5.49 -3.29
C PRO A 189 4.01 4.76 -1.94
N VAL A 190 4.11 5.52 -0.85
CA VAL A 190 4.06 4.98 0.48
C VAL A 190 2.93 5.65 1.25
N SER A 191 2.32 4.96 2.18
CA SER A 191 1.22 5.53 2.95
C SER A 191 1.72 6.82 3.60
N SER A 192 0.83 7.79 3.73
CA SER A 192 1.13 8.99 4.47
C SER A 192 1.71 8.63 5.84
N ARG A 193 1.27 7.53 6.42
CA ARG A 193 1.82 7.10 7.72
C ARG A 193 3.33 6.84 7.60
N GLY A 194 3.73 6.02 6.63
CA GLY A 194 5.14 5.76 6.40
C GLY A 194 6.00 6.96 5.96
N ALA A 195 5.42 7.87 5.19
CA ALA A 195 6.11 9.04 4.70
C ALA A 195 6.41 9.94 5.88
N THR A 196 5.45 10.01 6.81
CA THR A 196 5.58 10.81 8.00
C THR A 196 6.64 10.17 8.91
N VAL A 197 6.51 8.88 9.16
CA VAL A 197 7.56 8.13 9.88
C VAL A 197 8.96 8.42 9.34
N LEU A 198 9.18 8.14 8.07
CA LEU A 198 10.41 8.48 7.34
C LEU A 198 10.90 9.95 7.52
N ALA A 199 10.02 10.90 7.34
CA ALA A 199 10.31 12.32 7.48
C ALA A 199 10.75 12.68 8.89
N LYS A 200 10.02 12.15 9.88
CA LYS A 200 10.31 12.35 11.28
C LYS A 200 11.69 11.77 11.61
N ARG A 201 12.00 10.56 11.14
CA ARG A 201 13.34 10.02 11.36
C ARG A 201 14.48 10.89 10.78
N VAL A 202 14.26 11.46 9.59
CA VAL A 202 15.25 12.27 9.01
C VAL A 202 15.48 13.47 9.89
N ALA A 203 14.39 14.07 10.34
CA ALA A 203 14.44 15.34 11.05
C ALA A 203 15.09 15.17 12.39
N GLN A 204 14.81 14.04 13.02
CA GLN A 204 15.37 13.70 14.31
C GLN A 204 16.85 13.34 14.18
N ARG A 205 17.21 12.71 13.08
CA ARG A 205 18.61 12.44 12.84
C ARG A 205 19.39 13.72 12.59
N LEU A 206 18.75 14.66 11.92
CA LEU A 206 19.37 15.90 11.56
C LEU A 206 19.58 16.74 12.80
N GLU A 207 18.63 16.65 13.73
CA GLU A 207 18.57 17.47 14.94
C GLU A 207 19.58 16.90 15.91
N GLN A 208 19.62 15.58 15.98
CA GLN A 208 20.65 14.87 16.73
C GLN A 208 22.06 15.26 16.30
N ALA A 209 22.24 15.55 15.03
CA ALA A 209 23.59 15.83 14.53
C ALA A 209 23.87 17.33 14.50
N MET A 210 22.82 18.15 14.50
CA MET A 210 22.99 19.61 14.45
C MET A 210 22.20 20.31 15.53
N PRO A 211 22.34 19.88 16.78
CA PRO A 211 21.46 20.43 17.82
C PRO A 211 21.39 21.97 17.85
N ALA A 212 22.52 22.66 17.76
CA ALA A 212 22.49 24.12 17.78
C ALA A 212 21.73 24.77 16.62
N LEU A 213 21.56 24.07 15.50
CA LEU A 213 21.05 24.71 14.28
C LEU A 213 19.65 24.18 13.82
N VAL A 214 19.25 23.03 14.33
CA VAL A 214 18.07 22.37 13.80
C VAL A 214 17.19 21.90 14.93
N THR A 215 15.89 22.14 14.81
CA THR A 215 14.90 21.52 15.71
C THR A 215 13.90 20.67 14.91
N SER A 216 13.31 19.64 15.53
CA SER A 216 12.32 18.80 14.85
C SER A 216 10.91 18.95 15.40
N THR A 217 10.78 19.79 16.45
CA THR A 217 9.49 20.03 17.10
C THR A 217 8.98 21.44 16.83
N MET A 218 7.68 21.64 17.03
CA MET A 218 7.05 22.93 16.76
C MET A 218 7.29 23.93 17.87
N THR A 219 7.47 23.47 19.11
CA THR A 219 7.41 24.38 20.26
C THR A 219 8.06 25.71 19.95
N LYS A 220 7.25 26.77 19.89
CA LYS A 220 7.80 28.10 19.53
C LYS A 220 8.98 28.51 20.39
N SER A 221 8.87 28.29 21.69
CA SER A 221 9.88 28.73 22.63
C SER A 221 11.23 28.07 22.38
N LEU A 222 11.24 27.02 21.56
CA LEU A 222 12.48 26.30 21.27
C LEU A 222 12.92 26.63 19.87
N ARG A 223 12.11 27.41 19.18
CA ARG A 223 12.34 27.59 17.76
C ARG A 223 13.47 28.59 17.48
N ALA A 224 13.80 29.42 18.45
CA ALA A 224 14.59 30.62 18.13
C ALA A 224 16.03 30.30 17.79
N GLY A 225 16.50 30.81 16.67
CA GLY A 225 17.87 30.57 16.27
C GLY A 225 18.04 29.25 15.56
N LYS A 226 16.93 28.57 15.33
CA LYS A 226 17.02 27.23 14.78
C LYS A 226 16.12 27.10 13.60
N VAL A 227 16.53 26.23 12.67
CA VAL A 227 15.66 25.82 11.58
C VAL A 227 14.72 24.73 12.08
N PHE A 228 13.42 25.00 12.03
CA PHE A 228 12.44 23.93 12.26
C PHE A 228 12.30 23.11 10.98
N VAL A 229 12.86 21.91 10.98
CA VAL A 229 12.59 21.01 9.89
C VAL A 229 11.24 20.36 10.13
N ASP A 230 10.23 20.91 9.52
CA ASP A 230 8.90 20.38 9.70
C ASP A 230 8.68 19.15 8.78
N TRP A 231 8.52 17.99 9.42
CA TRP A 231 8.42 16.70 8.78
C TRP A 231 6.94 16.31 8.78
N SER A 232 6.13 17.12 9.42
CA SER A 232 4.78 16.67 9.74
C SER A 232 3.70 17.08 8.73
N GLN A 233 4.07 17.87 7.73
CA GLN A 233 3.10 18.22 6.67
C GLN A 233 2.97 17.04 5.70
N ASN A 234 3.57 15.93 6.11
CA ASN A 234 3.45 14.66 5.39
C ASN A 234 2.23 13.88 5.86
N SER A 235 1.63 14.28 6.98
CA SER A 235 0.35 13.69 7.41
C SER A 235 -0.60 13.83 6.27
N GLY A 236 -1.56 12.92 6.19
CA GLY A 236 -2.55 13.03 5.13
C GLY A 236 -3.62 14.08 5.42
N SER A 237 -3.71 14.53 6.65
CA SER A 237 -4.65 15.59 6.96
C SER A 237 -4.04 16.97 7.04
N LYS A 238 -2.90 17.14 6.36
CA LYS A 238 -2.27 18.44 6.24
C LYS A 238 -2.03 18.81 4.81
N THR A 239 -1.49 20.02 4.62
CA THR A 239 -1.48 20.71 3.35
C THR A 239 -0.20 21.52 3.25
N THR A 240 0.34 21.66 2.05
CA THR A 240 1.48 22.55 1.85
C THR A 240 1.23 23.32 0.56
N ILE A 241 1.67 24.57 0.56
CA ILE A 241 1.38 25.43 -0.56
C ILE A 241 1.88 24.76 -1.83
N ALA A 242 1.06 24.75 -2.88
CA ALA A 242 1.43 24.06 -4.12
C ALA A 242 2.58 24.80 -4.82
N PRO A 243 3.44 24.07 -5.52
CA PRO A 243 4.52 24.80 -6.14
C PRO A 243 3.98 25.69 -7.24
N TYR A 244 4.64 26.83 -7.44
CA TYR A 244 4.26 27.78 -8.48
C TYR A 244 3.09 28.65 -8.08
N SER A 245 2.53 28.38 -6.90
CA SER A 245 1.41 29.19 -6.39
C SER A 245 1.85 30.56 -5.91
N LEU A 246 0.99 31.55 -6.16
CA LEU A 246 1.17 32.89 -5.64
C LEU A 246 1.05 32.97 -4.13
N ARG A 247 1.43 34.11 -3.56
CA ARG A 247 1.41 34.30 -2.12
C ARG A 247 0.56 35.46 -1.64
N GLY A 248 -0.21 35.24 -0.57
CA GLY A 248 -1.02 36.30 0.01
C GLY A 248 -0.18 37.37 0.72
N ARG A 249 0.89 37.82 0.09
CA ARG A 249 1.86 38.69 0.74
C ARG A 249 1.86 40.06 0.13
N THR A 250 2.50 41.02 0.80
CA THR A 250 2.61 42.38 0.30
C THR A 250 2.93 42.38 -1.18
N HIS A 251 4.07 41.78 -1.51
CA HIS A 251 4.50 41.63 -2.89
C HIS A 251 4.09 40.25 -3.39
N PRO A 252 3.80 40.13 -4.69
CA PRO A 252 3.27 38.87 -5.24
C PRO A 252 4.35 37.82 -5.46
N THR A 253 4.85 37.26 -4.37
CA THR A 253 5.90 36.28 -4.45
C THR A 253 5.31 34.90 -4.79
N VAL A 254 6.17 33.94 -5.08
CA VAL A 254 5.72 32.65 -5.59
C VAL A 254 6.49 31.51 -4.96
N ALA A 255 5.85 30.36 -4.80
CA ALA A 255 6.54 29.17 -4.33
C ALA A 255 7.34 28.65 -5.51
N ALA A 256 8.55 29.19 -5.67
CA ALA A 256 9.32 29.00 -6.89
C ALA A 256 10.35 27.90 -6.79
N PRO A 257 10.33 26.94 -7.72
CA PRO A 257 11.35 25.91 -7.75
C PRO A 257 12.70 26.49 -8.07
N ARG A 258 13.75 25.95 -7.46
CA ARG A 258 15.07 26.54 -7.56
C ARG A 258 16.11 25.48 -7.80
N THR A 259 17.33 25.91 -8.09
CA THR A 259 18.41 24.93 -8.19
C THR A 259 19.22 24.92 -6.92
N TRP A 260 19.79 23.75 -6.66
CA TRP A 260 20.76 23.63 -5.61
C TRP A 260 21.87 24.68 -5.67
N ALA A 261 22.37 24.99 -6.87
CA ALA A 261 23.42 26.03 -7.00
C ALA A 261 22.96 27.37 -6.45
N GLU A 262 21.80 27.82 -6.92
CA GLU A 262 21.20 29.03 -6.39
C GLU A 262 21.24 29.05 -4.85
N LEU A 263 20.99 27.92 -4.22
CA LEU A 263 20.96 27.89 -2.75
C LEU A 263 22.31 28.12 -2.12
N ASP A 264 23.33 28.21 -2.96
CA ASP A 264 24.69 28.60 -2.53
C ASP A 264 24.83 30.11 -2.41
N ASP A 265 23.94 30.82 -3.10
CA ASP A 265 24.04 32.27 -3.16
C ASP A 265 23.71 32.87 -1.80
N PRO A 266 24.66 33.62 -1.20
CA PRO A 266 24.37 34.20 0.12
C PRO A 266 23.23 35.21 0.11
N ALA A 267 22.81 35.66 -1.07
CA ALA A 267 21.75 36.66 -1.18
C ALA A 267 20.51 36.09 -1.84
N LEU A 268 20.38 34.76 -1.80
CA LEU A 268 19.15 34.10 -2.23
C LEU A 268 17.99 34.83 -1.60
N ARG A 269 16.94 35.09 -2.40
CA ARG A 269 15.73 35.72 -1.88
C ARG A 269 14.50 35.03 -2.48
N GLN A 270 13.30 35.53 -2.19
CA GLN A 270 12.11 34.96 -2.78
C GLN A 270 11.90 35.56 -4.15
N LEU A 271 11.27 34.80 -5.04
CA LEU A 271 11.03 35.28 -6.42
C LEU A 271 9.60 35.75 -6.62
N SER A 272 9.40 36.74 -7.48
CA SER A 272 8.08 37.23 -7.76
C SER A 272 7.58 36.61 -9.05
N TYR A 273 6.27 36.64 -9.24
CA TYR A 273 5.64 35.95 -10.36
C TYR A 273 6.24 36.28 -11.73
N ASP A 274 6.62 37.54 -11.96
CA ASP A 274 7.15 37.89 -13.28
C ASP A 274 8.50 37.23 -13.48
N GLU A 275 9.28 37.14 -12.41
CA GLU A 275 10.56 36.47 -12.48
C GLU A 275 10.37 35.00 -12.74
N VAL A 276 9.33 34.43 -12.13
CA VAL A 276 8.99 33.03 -12.32
C VAL A 276 8.64 32.75 -13.77
N LEU A 277 7.82 33.63 -14.33
CA LEU A 277 7.36 33.46 -15.68
C LEU A 277 8.53 33.37 -16.65
N THR A 278 9.37 34.39 -16.66
CA THR A 278 10.48 34.40 -17.60
C THR A 278 11.46 33.25 -17.31
N ARG A 279 11.46 32.78 -16.06
CA ARG A 279 12.32 31.67 -15.65
C ARG A 279 11.83 30.35 -16.24
N ILE A 280 10.52 30.21 -16.36
CA ILE A 280 9.95 29.03 -17.02
C ILE A 280 10.35 28.99 -18.48
N ALA A 281 10.17 30.11 -19.18
CA ALA A 281 10.52 30.21 -20.59
C ALA A 281 11.91 29.66 -20.88
N ARG A 282 12.88 30.01 -20.04
CA ARG A 282 14.24 29.48 -20.14
C ARG A 282 14.37 28.01 -19.80
N ASP A 283 13.86 27.61 -18.64
CA ASP A 283 14.19 26.29 -18.14
C ASP A 283 13.07 25.26 -18.32
N GLY A 284 11.84 25.73 -18.51
CA GLY A 284 10.68 24.86 -18.34
C GLY A 284 10.57 24.52 -16.86
N ASP A 285 9.95 23.39 -16.54
CA ASP A 285 9.64 23.02 -15.16
C ASP A 285 10.84 22.38 -14.47
N LEU A 286 11.31 22.99 -13.39
CA LEU A 286 12.45 22.42 -12.67
C LEU A 286 12.03 21.21 -11.82
N LEU A 287 10.73 21.04 -11.62
CA LEU A 287 10.23 19.92 -10.82
C LEU A 287 9.63 18.78 -11.67
N GLU A 288 9.87 18.79 -12.98
CA GLU A 288 9.35 17.75 -13.85
C GLU A 288 9.45 16.35 -13.28
N ARG A 289 10.60 16.02 -12.68
CA ARG A 289 10.89 14.69 -12.15
C ARG A 289 9.89 14.28 -11.06
N LEU A 290 9.13 15.24 -10.56
CA LEU A 290 8.42 15.05 -9.33
C LEU A 290 7.08 14.36 -9.53
N ASP A 291 6.33 14.77 -10.54
CA ASP A 291 5.06 14.15 -10.77
C ASP A 291 4.96 13.65 -12.20
N ALA A 292 5.87 12.78 -12.61
CA ALA A 292 5.64 11.98 -13.80
C ALA A 292 4.47 11.08 -13.42
N ASP A 293 3.34 11.27 -14.06
CA ASP A 293 2.24 10.46 -13.60
C ASP A 293 2.36 9.05 -14.18
N GLN B 10 -15.31 35.04 51.18
CA GLN B 10 -14.64 34.43 52.36
C GLN B 10 -15.21 33.04 52.61
N ARG B 11 -16.53 32.95 52.61
CA ARG B 11 -17.19 31.67 52.51
C ARG B 11 -17.96 31.73 51.21
N VAL B 12 -18.28 30.56 50.67
CA VAL B 12 -19.05 30.52 49.46
C VAL B 12 -20.36 29.87 49.85
N THR B 13 -21.45 30.46 49.38
CA THR B 13 -22.73 29.89 49.68
C THR B 13 -23.05 28.91 48.56
N LEU B 14 -23.08 27.63 48.92
CA LEU B 14 -23.31 26.57 47.94
C LEU B 14 -24.79 26.45 47.59
N THR B 15 -25.12 26.80 46.35
CA THR B 15 -26.50 26.75 45.92
C THR B 15 -26.67 25.49 45.09
N ASN B 16 -27.92 25.04 44.92
CA ASN B 16 -28.19 23.85 44.12
C ASN B 16 -27.54 22.63 44.72
N ALA B 17 -27.48 22.62 46.05
CA ALA B 17 -26.97 21.48 46.80
C ALA B 17 -27.73 20.22 46.39
N ASP B 18 -27.24 19.08 46.86
CA ASP B 18 -27.82 17.76 46.55
C ASP B 18 -28.35 17.58 45.10
N LYS B 19 -27.88 18.42 44.19
CA LYS B 19 -28.16 18.24 42.76
C LYS B 19 -27.09 17.41 42.06
N VAL B 20 -27.54 16.35 41.39
CA VAL B 20 -26.66 15.36 40.74
C VAL B 20 -25.80 15.96 39.63
N LEU B 21 -24.50 15.71 39.68
CA LEU B 21 -23.62 16.12 38.59
C LEU B 21 -23.21 14.94 37.71
N TYR B 22 -22.80 13.84 38.33
CA TYR B 22 -22.57 12.57 37.62
C TYR B 22 -23.82 11.68 37.68
N PRO B 23 -24.67 11.73 36.64
CA PRO B 23 -25.91 10.93 36.59
C PRO B 23 -25.72 9.44 36.84
N ALA B 24 -24.57 8.89 36.44
CA ALA B 24 -24.35 7.45 36.54
C ALA B 24 -24.11 6.96 37.97
N THR B 25 -23.59 7.82 38.84
CA THR B 25 -23.31 7.42 40.22
C THR B 25 -24.14 8.19 41.27
N GLY B 26 -25.00 9.09 40.81
CA GLY B 26 -25.81 9.91 41.70
C GLY B 26 -24.97 10.87 42.54
N THR B 27 -23.76 11.18 42.06
CA THR B 27 -22.88 12.11 42.77
C THR B 27 -23.47 13.51 42.77
N THR B 28 -23.73 14.05 43.96
CA THR B 28 -24.36 15.36 44.09
C THR B 28 -23.35 16.51 44.18
N LYS B 29 -23.84 17.74 44.02
CA LYS B 29 -23.04 18.94 44.17
C LYS B 29 -22.52 19.11 45.60
N SER B 30 -23.23 18.48 46.55
CA SER B 30 -22.81 18.49 47.95
C SER B 30 -21.67 17.49 48.14
N ASP B 31 -21.77 16.35 47.47
CA ASP B 31 -20.67 15.39 47.42
C ASP B 31 -19.39 16.06 46.94
N ILE B 32 -19.51 16.86 45.88
CA ILE B 32 -18.35 17.57 45.33
C ILE B 32 -17.76 18.51 46.39
N PHE B 33 -18.61 19.38 46.93
CA PHE B 33 -18.20 20.32 47.98
C PHE B 33 -17.34 19.70 49.09
N ASP B 34 -17.81 18.58 49.64
CA ASP B 34 -17.11 17.86 50.71
C ASP B 34 -15.80 17.26 50.19
N TYR B 35 -15.82 16.69 49.00
CA TYR B 35 -14.60 16.13 48.41
C TYR B 35 -13.46 17.16 48.41
N TYR B 36 -13.73 18.33 47.84
CA TYR B 36 -12.71 19.36 47.73
C TYR B 36 -12.34 19.93 49.09
N ALA B 37 -13.32 19.98 50.00
CA ALA B 37 -13.04 20.32 51.38
C ALA B 37 -12.12 19.26 51.98
N GLY B 38 -12.39 18.00 51.66
CA GLY B 38 -11.64 16.87 52.18
C GLY B 38 -10.20 16.82 51.73
N VAL B 39 -9.97 17.08 50.45
CA VAL B 39 -8.62 17.00 49.89
C VAL B 39 -7.94 18.36 49.85
N ALA B 40 -8.57 19.33 50.49
CA ALA B 40 -8.04 20.69 50.53
C ALA B 40 -6.63 20.69 51.10
N GLU B 41 -6.39 19.85 52.11
CA GLU B 41 -5.11 19.88 52.81
C GLU B 41 -3.98 19.51 51.85
N VAL B 42 -4.17 18.42 51.12
CA VAL B 42 -3.07 17.89 50.31
C VAL B 42 -3.05 18.43 48.89
N MET B 43 -4.18 18.93 48.41
CA MET B 43 -4.28 19.46 47.06
C MET B 43 -3.70 20.87 46.92
N LEU B 44 -3.91 21.72 47.93
CA LEU B 44 -3.55 23.15 47.85
C LEU B 44 -2.09 23.44 47.46
N GLY B 45 -1.13 22.73 48.04
CA GLY B 45 0.29 22.99 47.80
C GLY B 45 0.77 22.72 46.38
N HIS B 46 -0.04 21.99 45.61
CA HIS B 46 0.26 21.67 44.22
C HIS B 46 -0.40 22.63 43.23
N ILE B 47 -1.20 23.57 43.73
CA ILE B 47 -1.84 24.52 42.84
C ILE B 47 -1.68 25.99 43.28
N ALA B 48 -1.36 26.22 44.56
CA ALA B 48 -1.12 27.58 45.04
C ALA B 48 -0.06 28.26 44.19
N GLY B 49 -0.21 29.55 43.96
CA GLY B 49 0.79 30.32 43.18
C GLY B 49 0.64 30.18 41.68
N ARG B 50 -0.21 29.25 41.27
CA ARG B 50 -0.40 28.90 39.86
C ARG B 50 -1.78 29.33 39.33
N PRO B 51 -1.82 29.87 38.09
CA PRO B 51 -3.07 30.27 37.46
C PRO B 51 -3.94 29.05 37.19
N ALA B 52 -5.20 29.12 37.61
CA ALA B 52 -6.08 27.95 37.67
C ALA B 52 -7.12 27.97 36.57
N THR B 53 -6.95 27.08 35.60
CA THR B 53 -7.87 26.94 34.50
C THR B 53 -9.00 26.01 34.92
N ARG B 54 -10.25 26.41 34.69
CA ARG B 54 -11.39 25.56 35.03
C ARG B 54 -12.03 24.95 33.81
N LYS B 55 -12.62 23.78 34.01
CA LYS B 55 -13.56 23.19 33.05
C LYS B 55 -14.87 22.87 33.80
N ARG B 56 -15.99 23.33 33.24
CA ARG B 56 -17.22 23.48 34.01
C ARG B 56 -18.42 22.79 33.41
N TRP B 57 -19.03 21.90 34.18
CA TRP B 57 -20.25 21.18 33.78
C TRP B 57 -21.46 21.64 34.62
N PRO B 58 -21.94 22.87 34.37
CA PRO B 58 -23.03 23.45 35.14
C PRO B 58 -24.18 22.47 35.30
N ASN B 59 -24.44 21.71 34.24
CA ASN B 59 -25.62 20.88 34.19
C ASN B 59 -25.31 19.39 34.11
N GLY B 60 -24.25 18.96 34.79
CA GLY B 60 -23.94 17.54 34.86
C GLY B 60 -23.04 17.02 33.76
N VAL B 61 -22.54 15.80 33.95
CA VAL B 61 -21.54 15.22 33.05
C VAL B 61 -22.15 14.70 31.75
N ASP B 62 -23.47 14.73 31.66
CA ASP B 62 -24.15 14.38 30.43
C ASP B 62 -24.50 15.66 29.67
N GLN B 63 -24.18 16.79 30.27
CA GLN B 63 -24.56 18.08 29.70
C GLN B 63 -23.38 18.91 29.26
N PRO B 64 -23.54 19.70 28.18
CA PRO B 64 -22.48 20.51 27.60
C PRO B 64 -21.62 21.24 28.62
N ALA B 65 -20.30 21.19 28.40
CA ALA B 65 -19.31 21.82 29.27
C ALA B 65 -18.63 22.98 28.56
N PHE B 66 -17.74 23.65 29.30
CA PHE B 66 -16.93 24.72 28.76
C PHE B 66 -15.65 24.95 29.58
N PHE B 67 -14.57 25.28 28.87
CA PHE B 67 -13.31 25.70 29.49
C PHE B 67 -13.37 27.19 29.81
N GLU B 68 -12.74 27.57 30.90
CA GLU B 68 -12.74 28.94 31.33
C GLU B 68 -11.37 29.30 31.90
N LYS B 69 -10.73 30.31 31.32
CA LYS B 69 -9.47 30.78 31.83
C LYS B 69 -9.72 32.11 32.49
N GLN B 70 -10.29 33.05 31.73
CA GLN B 70 -10.57 34.39 32.23
C GLN B 70 -11.45 34.31 33.47
N LEU B 71 -11.14 35.11 34.48
CA LEU B 71 -11.96 35.14 35.69
C LEU B 71 -13.06 36.20 35.60
N ALA B 72 -14.23 35.87 36.12
CA ALA B 72 -15.38 36.77 36.01
C ALA B 72 -15.20 37.97 36.92
N LEU B 73 -15.60 39.16 36.44
CA LEU B 73 -15.43 40.37 37.25
C LEU B 73 -16.46 40.39 38.39
N SER B 74 -17.43 39.48 38.33
CA SER B 74 -18.40 39.30 39.41
C SER B 74 -17.91 38.24 40.40
N ALA B 75 -16.82 37.57 40.07
CA ALA B 75 -16.24 36.57 40.95
C ALA B 75 -15.67 37.22 42.21
N PRO B 76 -15.81 36.55 43.37
CA PRO B 76 -15.42 37.07 44.68
C PRO B 76 -14.12 37.87 44.69
N PRO B 77 -14.09 38.96 45.46
CA PRO B 77 -12.92 39.85 45.47
C PRO B 77 -11.73 39.31 46.27
N TRP B 78 -11.95 38.26 47.06
CA TRP B 78 -10.88 37.77 47.93
C TRP B 78 -10.01 36.74 47.22
N LEU B 79 -10.43 36.32 46.02
CA LEU B 79 -9.66 35.39 45.20
C LEU B 79 -8.39 36.04 44.65
N SER B 80 -7.25 35.44 44.92
CA SER B 80 -5.97 35.96 44.46
C SER B 80 -5.91 35.84 42.95
N ARG B 81 -5.23 36.80 42.34
CA ARG B 81 -5.38 37.01 40.93
C ARG B 81 -4.07 37.48 40.37
N ALA B 82 -3.87 37.18 39.09
CA ALA B 82 -2.74 37.71 38.34
C ALA B 82 -3.06 37.62 36.87
N THR B 83 -2.44 38.48 36.07
CA THR B 83 -2.74 38.55 34.65
C THR B 83 -1.54 38.15 33.78
N VAL B 84 -1.81 37.72 32.55
CA VAL B 84 -0.78 37.21 31.66
C VAL B 84 -0.98 37.83 30.29
N ALA B 85 0.03 38.56 29.81
CA ALA B 85 -0.05 39.20 28.51
C ALA B 85 -0.18 38.10 27.45
N HIS B 86 -1.24 38.17 26.67
CA HIS B 86 -1.56 37.05 25.79
C HIS B 86 -1.79 37.48 24.35
N ARG B 87 -1.23 36.72 23.41
CA ARG B 87 -1.39 37.00 21.98
C ARG B 87 -2.46 38.05 21.71
N SER B 88 -3.72 37.62 21.84
CA SER B 88 -4.88 38.42 21.43
C SER B 88 -5.26 39.51 22.43
N GLY B 89 -4.98 39.28 23.71
CA GLY B 89 -5.31 40.22 24.78
C GLY B 89 -4.73 39.74 26.10
N THR B 90 -4.92 40.50 27.15
CA THR B 90 -4.43 40.07 28.44
C THR B 90 -5.44 39.13 29.09
N THR B 91 -4.97 38.18 29.87
CA THR B 91 -5.88 37.31 30.62
C THR B 91 -5.60 37.39 32.12
N THR B 92 -6.64 37.70 32.88
CA THR B 92 -6.55 37.73 34.33
C THR B 92 -6.93 36.39 34.88
N TYR B 93 -5.96 35.70 35.46
CA TYR B 93 -6.23 34.43 36.08
C TYR B 93 -6.50 34.56 37.58
N PRO B 94 -7.26 33.60 38.13
CA PRO B 94 -7.41 33.40 39.57
C PRO B 94 -6.44 32.34 40.06
N ILE B 95 -5.91 32.56 41.24
CA ILE B 95 -5.08 31.57 41.89
C ILE B 95 -5.91 30.94 42.99
N ILE B 96 -5.99 29.62 43.00
CA ILE B 96 -6.65 28.96 44.11
C ILE B 96 -5.62 28.49 45.12
N ASP B 97 -5.77 28.96 46.34
CA ASP B 97 -4.72 28.87 47.33
C ASP B 97 -5.29 28.79 48.75
N SER B 98 -6.55 28.37 48.86
CA SER B 98 -7.21 28.35 50.15
C SER B 98 -8.38 27.35 50.14
N ALA B 99 -8.67 26.77 51.30
CA ALA B 99 -9.82 25.86 51.40
C ALA B 99 -11.06 26.58 50.90
N THR B 100 -11.02 27.90 51.00
CA THR B 100 -12.11 28.78 50.59
C THR B 100 -12.16 28.89 49.06
N GLY B 101 -10.98 28.85 48.44
CA GLY B 101 -10.89 28.84 46.97
C GLY B 101 -11.49 27.59 46.37
N LEU B 102 -11.25 26.46 47.02
CA LEU B 102 -11.77 25.18 46.57
C LEU B 102 -13.30 25.17 46.67
N ALA B 103 -13.82 25.72 47.76
CA ALA B 103 -15.26 25.83 47.96
C ALA B 103 -15.90 26.57 46.79
N TRP B 104 -15.25 27.63 46.35
CA TRP B 104 -15.66 28.34 45.14
C TRP B 104 -15.64 27.44 43.87
N ILE B 105 -14.53 26.75 43.64
CA ILE B 105 -14.47 25.75 42.58
C ILE B 105 -15.69 24.84 42.67
N ALA B 106 -15.97 24.36 43.88
CA ALA B 106 -17.09 23.44 44.10
C ALA B 106 -18.41 24.04 43.62
N GLN B 107 -18.71 25.26 44.07
CA GLN B 107 -19.95 25.97 43.70
C GLN B 107 -19.95 26.42 42.24
N GLN B 108 -18.76 26.71 41.70
CA GLN B 108 -18.68 27.17 40.32
C GLN B 108 -19.00 26.03 39.39
N ALA B 109 -19.19 24.84 39.95
CA ALA B 109 -19.32 23.62 39.15
C ALA B 109 -18.04 23.31 38.34
N ALA B 110 -16.89 23.79 38.79
CA ALA B 110 -15.65 23.50 38.10
C ALA B 110 -15.09 22.17 38.55
N LEU B 111 -15.62 21.09 37.97
CA LEU B 111 -15.19 19.75 38.34
C LEU B 111 -13.67 19.57 38.21
N GLU B 112 -13.08 20.10 37.13
CA GLU B 112 -11.64 19.93 36.86
C GLU B 112 -10.87 21.23 37.09
N VAL B 113 -9.64 21.08 37.58
CA VAL B 113 -8.76 22.22 37.80
C VAL B 113 -7.43 22.00 37.08
N HIS B 114 -7.13 22.86 36.11
CA HIS B 114 -5.94 22.72 35.30
C HIS B 114 -4.91 23.81 35.63
N VAL B 115 -3.68 23.40 35.92
CA VAL B 115 -2.62 24.38 36.14
C VAL B 115 -1.37 24.03 35.32
N PRO B 116 -0.52 25.04 35.08
CA PRO B 116 0.80 24.85 34.52
C PRO B 116 1.85 24.52 35.58
N GLN B 117 3.07 24.20 35.16
CA GLN B 117 4.08 23.73 36.11
C GLN B 117 4.97 24.83 36.68
N TRP B 118 4.47 26.06 36.59
CA TRP B 118 5.19 27.24 37.10
C TRP B 118 4.29 28.02 38.05
N ARG B 119 4.89 28.89 38.86
CA ARG B 119 4.12 29.77 39.77
C ARG B 119 4.39 31.23 39.44
N PHE B 120 3.61 32.15 39.98
CA PHE B 120 3.94 33.57 39.81
C PHE B 120 5.00 34.01 40.80
N VAL B 121 5.75 35.04 40.45
CA VAL B 121 6.75 35.61 41.34
C VAL B 121 6.54 37.11 41.44
N ALA B 122 6.65 37.65 42.66
CA ALA B 122 6.49 39.09 42.88
C ALA B 122 7.70 39.84 42.36
N GLU B 123 7.47 40.88 41.57
CA GLU B 123 8.56 41.64 40.94
C GLU B 123 9.32 42.50 41.96
N PRO B 124 10.57 42.86 41.63
CA PRO B 124 11.45 43.54 42.59
C PRO B 124 10.85 44.83 43.10
N GLY B 125 10.78 45.84 42.22
CA GLY B 125 10.28 47.16 42.60
C GLY B 125 8.76 47.24 42.59
N SER B 126 8.15 46.80 41.49
CA SER B 126 6.70 46.86 41.33
C SER B 126 5.96 45.84 42.20
N GLY B 127 6.63 44.72 42.52
CA GLY B 127 6.02 43.64 43.31
C GLY B 127 4.88 42.98 42.55
N GLU B 128 4.87 43.20 41.23
CA GLU B 128 3.84 42.69 40.34
C GLU B 128 3.93 41.17 40.27
N LEU B 129 2.77 40.52 40.19
CA LEU B 129 2.72 39.07 40.05
C LEU B 129 2.92 38.71 38.59
N ASN B 130 4.09 38.19 38.26
CA ASN B 130 4.40 37.76 36.90
C ASN B 130 4.77 36.28 36.84
N PRO B 131 4.69 35.68 35.64
CA PRO B 131 4.93 34.24 35.51
C PRO B 131 6.37 33.87 35.90
N GLY B 132 6.50 32.96 36.87
CA GLY B 132 7.81 32.55 37.38
C GLY B 132 8.36 31.33 36.69
N PRO B 133 9.59 30.94 37.06
CA PRO B 133 10.22 29.77 36.46
C PRO B 133 9.43 28.50 36.75
N ALA B 134 9.81 27.40 36.09
CA ALA B 134 9.11 26.12 36.26
C ALA B 134 9.67 25.45 37.49
N THR B 135 8.81 24.98 38.39
CA THR B 135 9.33 24.39 39.62
C THR B 135 9.33 22.87 39.59
N ARG B 136 8.59 22.31 38.65
CA ARG B 136 8.52 20.88 38.48
C ARG B 136 8.29 20.60 37.01
N LEU B 137 8.79 19.46 36.54
CA LEU B 137 8.41 18.90 35.24
C LEU B 137 7.14 18.09 35.28
N VAL B 138 6.43 18.07 34.18
CA VAL B 138 5.34 17.09 34.05
C VAL B 138 5.46 16.31 32.74
N PHE B 139 5.19 15.01 32.81
CA PHE B 139 5.08 14.15 31.63
C PHE B 139 3.69 13.51 31.57
N ASP B 140 3.12 13.49 30.36
CA ASP B 140 1.82 12.87 30.09
C ASP B 140 1.97 11.60 29.23
N LEU B 141 1.73 10.46 29.87
CA LEU B 141 1.90 9.20 29.18
C LEU B 141 0.56 8.70 28.70
N ASP B 142 0.36 8.76 27.39
CA ASP B 142 -0.95 8.53 26.82
C ASP B 142 -0.90 7.22 26.04
N PRO B 143 -1.48 6.15 26.62
CA PRO B 143 -1.44 4.84 25.97
C PRO B 143 -2.28 4.83 24.71
N GLY B 144 -1.68 4.54 23.57
CA GLY B 144 -2.40 4.52 22.29
C GLY B 144 -3.17 3.24 22.03
N GLU B 145 -3.69 3.13 20.80
CA GLU B 145 -4.48 1.97 20.35
C GLU B 145 -3.83 0.69 20.83
N GLY B 146 -4.59 -0.11 21.57
CA GLY B 146 -4.14 -1.41 22.06
C GLY B 146 -2.83 -1.42 22.84
N VAL B 147 -2.74 -0.57 23.84
CA VAL B 147 -1.57 -0.59 24.71
C VAL B 147 -2.06 -0.99 26.09
N MET B 148 -1.46 -2.03 26.66
CA MET B 148 -1.87 -2.56 27.94
C MET B 148 -1.11 -1.99 29.11
N MET B 149 -1.49 -2.41 30.31
CA MET B 149 -0.99 -1.77 31.52
C MET B 149 0.53 -1.93 31.72
N ALA B 150 1.05 -3.12 31.43
CA ALA B 150 2.45 -3.43 31.70
C ALA B 150 3.39 -2.61 30.83
N GLN B 151 3.09 -2.50 29.54
CA GLN B 151 3.87 -1.67 28.66
C GLN B 151 3.84 -0.22 29.12
N LEU B 152 2.67 0.27 29.47
CA LEU B 152 2.51 1.63 29.95
C LEU B 152 3.35 1.84 31.21
N ALA B 153 3.34 0.85 32.09
CA ALA B 153 4.13 0.96 33.33
C ALA B 153 5.62 0.82 33.07
N GLU B 154 5.97 0.02 32.07
CA GLU B 154 7.38 -0.16 31.72
C GLU B 154 7.92 1.18 31.28
N VAL B 155 7.10 1.92 30.53
CA VAL B 155 7.53 3.17 29.94
C VAL B 155 7.69 4.19 31.05
N ALA B 156 6.73 4.17 31.97
CA ALA B 156 6.72 5.07 33.07
C ALA B 156 7.92 4.84 33.98
N ARG B 157 8.32 3.60 34.16
CA ARG B 157 9.50 3.33 34.95
C ARG B 157 10.74 3.79 34.24
N ALA B 158 10.72 3.75 32.91
CA ALA B 158 11.95 4.11 32.22
C ALA B 158 12.11 5.63 32.26
N VAL B 159 11.00 6.37 32.23
CA VAL B 159 11.07 7.82 32.31
C VAL B 159 11.69 8.16 33.65
N ARG B 160 11.22 7.47 34.68
CA ARG B 160 11.73 7.60 36.02
C ARG B 160 13.21 7.25 35.98
N ASP B 161 13.57 6.29 35.17
CA ASP B 161 14.97 5.93 35.19
C ASP B 161 15.83 7.05 34.65
N LEU B 162 15.38 7.64 33.55
CA LEU B 162 16.18 8.63 32.90
C LEU B 162 16.30 9.89 33.74
N LEU B 163 15.31 10.13 34.59
CA LEU B 163 15.33 11.29 35.46
C LEU B 163 16.11 10.99 36.70
N ALA B 164 16.07 9.74 37.11
CA ALA B 164 16.87 9.29 38.23
C ALA B 164 18.34 9.42 37.85
N ASP B 165 18.63 9.27 36.56
CA ASP B 165 20.01 9.30 36.09
C ASP B 165 20.69 10.66 36.25
N ILE B 166 19.88 11.70 36.49
CA ILE B 166 20.41 13.02 36.75
C ILE B 166 19.91 13.51 38.11
N GLY B 167 19.75 12.57 39.02
CA GLY B 167 19.49 12.88 40.42
C GLY B 167 18.14 13.48 40.72
N LEU B 168 17.14 13.21 39.88
CA LEU B 168 15.78 13.70 40.13
C LEU B 168 14.83 12.56 40.50
N VAL B 169 13.72 12.89 41.14
CA VAL B 169 12.75 11.92 41.65
C VAL B 169 11.40 12.12 40.94
N THR B 170 10.66 11.05 40.72
CA THR B 170 9.44 11.17 39.93
C THR B 170 8.21 10.55 40.61
N PHE B 171 7.07 11.20 40.49
CA PHE B 171 5.87 10.77 41.22
C PHE B 171 4.75 10.45 40.22
N PRO B 172 4.16 9.24 40.31
CA PRO B 172 3.10 8.73 39.41
C PRO B 172 1.70 9.19 39.78
N VAL B 173 0.95 9.72 38.82
CA VAL B 173 -0.39 10.22 39.10
C VAL B 173 -1.32 9.76 38.00
N THR B 174 -2.23 8.90 38.40
CA THR B 174 -3.16 8.33 37.49
C THR B 174 -4.21 9.41 37.24
N SER B 175 -4.31 9.90 36.01
CA SER B 175 -5.05 11.15 35.74
C SER B 175 -6.57 11.05 35.93
N GLY B 176 -7.08 9.85 36.13
CA GLY B 176 -8.51 9.68 36.24
C GLY B 176 -9.13 9.54 34.86
N SER B 177 -8.31 9.72 33.84
CA SER B 177 -8.77 9.62 32.47
C SER B 177 -8.22 8.35 31.79
N LYS B 178 -7.17 8.48 30.99
CA LYS B 178 -6.45 7.31 30.42
C LYS B 178 -4.94 7.47 30.69
N GLY B 179 -4.49 8.72 30.73
CA GLY B 179 -3.10 9.02 30.88
C GLY B 179 -2.57 8.86 32.29
N LEU B 180 -1.37 8.33 32.40
CA LEU B 180 -0.57 8.41 33.58
C LEU B 180 0.26 9.69 33.53
N HIS B 181 0.18 10.52 34.56
CA HIS B 181 1.02 11.71 34.64
C HIS B 181 2.19 11.49 35.59
N LEU B 182 3.40 11.86 35.18
CA LEU B 182 4.53 11.80 36.10
C LEU B 182 5.03 13.20 36.39
N TYR B 183 5.23 13.50 37.66
CA TYR B 183 5.79 14.79 38.04
C TYR B 183 7.14 14.60 38.68
N THR B 184 8.02 15.57 38.44
CA THR B 184 9.31 15.62 39.03
C THR B 184 9.56 17.03 39.54
N PRO B 185 9.88 17.16 40.83
CA PRO B 185 10.16 18.48 41.36
C PRO B 185 11.55 18.90 40.95
N LEU B 186 11.73 20.20 40.70
CA LEU B 186 13.04 20.73 40.40
C LEU B 186 13.54 21.41 41.65
N ASP B 187 14.57 20.86 42.28
CA ASP B 187 15.09 21.51 43.48
C ASP B 187 15.69 22.90 43.19
N GLU B 188 16.28 23.10 42.01
CA GLU B 188 16.57 24.46 41.55
C GLU B 188 15.73 24.78 40.31
N PRO B 189 14.77 25.71 40.44
CA PRO B 189 13.85 25.94 39.32
C PRO B 189 14.55 26.55 38.10
N VAL B 190 13.92 26.44 36.94
CA VAL B 190 14.55 26.85 35.69
C VAL B 190 13.44 27.35 34.78
N SER B 191 13.79 28.13 33.76
CA SER B 191 12.78 28.62 32.85
C SER B 191 11.96 27.47 32.24
N SER B 192 10.71 27.78 31.95
CA SER B 192 9.82 26.89 31.24
C SER B 192 10.46 26.31 29.99
N ARG B 193 11.19 27.15 29.26
CA ARG B 193 11.83 26.73 28.02
C ARG B 193 12.86 25.62 28.28
N GLY B 194 13.67 25.79 29.33
CA GLY B 194 14.71 24.82 29.65
C GLY B 194 14.11 23.54 30.15
N ALA B 195 12.99 23.67 30.86
CA ALA B 195 12.34 22.52 31.45
C ALA B 195 11.75 21.71 30.31
N THR B 196 11.40 22.43 29.25
CA THR B 196 10.88 21.80 28.06
C THR B 196 11.99 21.15 27.20
N VAL B 197 13.15 21.78 27.18
CA VAL B 197 14.33 21.16 26.58
C VAL B 197 14.64 19.84 27.27
N LEU B 198 14.48 19.81 28.58
CA LEU B 198 14.88 18.64 29.33
C LEU B 198 13.86 17.50 29.23
N ALA B 199 12.58 17.82 29.24
CA ALA B 199 11.52 16.81 29.13
C ALA B 199 11.54 16.23 27.72
N LYS B 200 11.91 17.08 26.78
CA LYS B 200 12.06 16.68 25.39
C LYS B 200 13.26 15.72 25.19
N ARG B 201 14.44 16.12 25.69
CA ARG B 201 15.61 15.22 25.68
C ARG B 201 15.21 13.84 26.20
N VAL B 202 14.50 13.83 27.33
CA VAL B 202 14.06 12.60 27.99
C VAL B 202 13.16 11.71 27.10
N ALA B 203 12.05 12.29 26.63
CA ALA B 203 11.15 11.71 25.69
C ALA B 203 11.92 11.12 24.51
N GLN B 204 12.66 11.98 23.85
CA GLN B 204 13.36 11.59 22.65
C GLN B 204 14.28 10.41 22.88
N ARG B 205 15.00 10.48 24.00
CA ARG B 205 16.01 9.49 24.35
C ARG B 205 15.31 8.17 24.55
N LEU B 206 14.22 8.19 25.31
CA LEU B 206 13.39 7.03 25.50
C LEU B 206 12.88 6.49 24.15
N GLU B 207 12.39 7.37 23.29
CA GLU B 207 11.89 6.97 21.99
C GLU B 207 12.97 6.30 21.15
N GLN B 208 14.18 6.82 21.20
CA GLN B 208 15.34 6.10 20.69
C GLN B 208 15.52 4.68 21.26
N ALA B 209 15.57 4.57 22.58
CA ALA B 209 15.83 3.28 23.19
C ALA B 209 14.64 2.30 23.10
N MET B 210 13.42 2.82 22.89
CA MET B 210 12.23 1.99 22.91
C MET B 210 11.31 2.33 21.75
N PRO B 211 11.81 2.19 20.52
CA PRO B 211 11.12 2.59 19.30
C PRO B 211 9.74 1.96 19.18
N ALA B 212 9.59 0.70 19.56
CA ALA B 212 8.34 0.01 19.26
C ALA B 212 7.30 0.31 20.34
N LEU B 213 7.77 0.79 21.48
CA LEU B 213 6.90 0.96 22.65
C LEU B 213 6.61 2.43 22.97
N VAL B 214 7.42 3.34 22.42
CA VAL B 214 7.31 4.78 22.74
C VAL B 214 7.34 5.73 21.55
N THR B 215 6.46 6.71 21.52
CA THR B 215 6.58 7.85 20.60
C THR B 215 6.66 9.17 21.39
N SER B 216 7.52 10.10 20.96
CA SER B 216 7.58 11.44 21.55
C SER B 216 6.74 12.46 20.80
N THR B 217 5.93 11.98 19.84
CA THR B 217 5.13 12.92 19.08
C THR B 217 3.64 12.72 19.16
N MET B 218 2.90 13.79 18.97
CA MET B 218 1.45 13.76 19.05
C MET B 218 0.78 13.14 17.83
N THR B 219 1.49 13.15 16.71
CA THR B 219 0.92 12.72 15.43
C THR B 219 0.09 11.48 15.64
N LYS B 220 -1.23 11.63 15.58
CA LYS B 220 -2.14 10.54 15.97
C LYS B 220 -1.96 9.26 15.12
N SER B 221 -1.68 9.43 13.84
CA SER B 221 -1.45 8.26 12.99
C SER B 221 -0.30 7.34 13.44
N LEU B 222 0.51 7.82 14.40
CA LEU B 222 1.76 7.17 14.78
C LEU B 222 1.68 6.64 16.18
N ARG B 223 0.46 6.57 16.69
CA ARG B 223 0.27 6.27 18.09
C ARG B 223 -0.08 4.82 18.35
N ALA B 224 -0.80 4.21 17.42
CA ALA B 224 -1.18 2.80 17.58
C ALA B 224 -0.01 2.00 18.22
N GLY B 225 -0.26 1.40 19.37
CA GLY B 225 0.70 0.47 19.94
C GLY B 225 1.85 1.15 20.66
N LYS B 226 1.66 2.43 20.96
CA LYS B 226 2.70 3.23 21.61
C LYS B 226 2.14 4.07 22.74
N VAL B 227 2.99 4.33 23.74
CA VAL B 227 2.74 5.35 24.74
C VAL B 227 3.31 6.69 24.25
N PHE B 228 2.44 7.65 23.96
CA PHE B 228 2.90 9.00 23.63
C PHE B 228 3.45 9.67 24.91
N VAL B 229 4.75 9.89 24.95
CA VAL B 229 5.31 10.59 26.11
C VAL B 229 5.30 12.09 25.83
N ASP B 230 4.27 12.74 26.31
CA ASP B 230 4.12 14.11 25.97
C ASP B 230 4.93 14.96 26.94
N TRP B 231 5.90 15.68 26.39
CA TRP B 231 6.85 16.43 27.17
C TRP B 231 6.53 17.92 27.02
N SER B 232 5.55 18.21 26.16
CA SER B 232 5.31 19.59 25.69
C SER B 232 4.49 20.44 26.67
N GLN B 233 3.74 19.76 27.54
CA GLN B 233 2.87 20.43 28.47
C GLN B 233 3.70 21.17 29.51
N ASN B 234 5.03 21.08 29.38
CA ASN B 234 5.92 21.79 30.24
C ASN B 234 6.13 23.15 29.62
N SER B 235 5.48 23.36 28.49
CA SER B 235 5.52 24.67 27.87
C SER B 235 4.92 25.67 28.82
N GLY B 236 5.51 26.86 28.83
CA GLY B 236 5.01 27.92 29.68
C GLY B 236 3.54 28.18 29.43
N SER B 237 3.12 27.98 28.19
CA SER B 237 1.74 28.30 27.82
C SER B 237 0.78 27.13 27.85
N LYS B 238 1.15 26.01 28.46
CA LYS B 238 0.19 24.91 28.50
C LYS B 238 -0.29 24.59 29.91
N THR B 239 -1.23 23.67 29.98
CA THR B 239 -1.82 23.32 31.25
C THR B 239 -2.00 21.82 31.44
N THR B 240 -1.98 21.39 32.70
CA THR B 240 -2.19 19.99 33.03
C THR B 240 -3.11 19.89 34.24
N ILE B 241 -4.08 18.99 34.15
CA ILE B 241 -5.01 18.69 35.24
C ILE B 241 -4.27 18.56 36.54
N ALA B 242 -4.69 19.34 37.53
CA ALA B 242 -4.06 19.34 38.84
C ALA B 242 -4.26 18.03 39.57
N PRO B 243 -3.25 17.63 40.35
CA PRO B 243 -3.46 16.48 41.22
C PRO B 243 -4.61 16.70 42.21
N TYR B 244 -5.29 15.60 42.53
CA TYR B 244 -6.41 15.57 43.47
C TYR B 244 -7.69 16.17 42.87
N SER B 245 -7.61 16.54 41.59
CA SER B 245 -8.75 17.13 40.92
C SER B 245 -9.69 16.07 40.42
N LEU B 246 -10.99 16.36 40.48
CA LEU B 246 -11.96 15.50 39.87
C LEU B 246 -11.87 15.63 38.35
N ARG B 247 -12.54 14.71 37.66
CA ARG B 247 -12.68 14.75 36.21
C ARG B 247 -14.14 14.93 35.86
N GLY B 248 -14.45 15.19 34.60
CA GLY B 248 -15.86 15.30 34.18
C GLY B 248 -16.31 14.11 33.37
N ARG B 249 -16.25 12.91 33.96
CA ARG B 249 -16.52 11.68 33.22
C ARG B 249 -17.81 10.99 33.70
N THR B 250 -18.04 9.76 33.21
CA THR B 250 -19.21 8.97 33.65
C THR B 250 -19.14 8.82 35.15
N HIS B 251 -18.10 8.16 35.62
CA HIS B 251 -17.90 8.04 37.05
C HIS B 251 -16.99 9.15 37.54
N PRO B 252 -17.07 9.46 38.84
CA PRO B 252 -16.32 10.54 39.44
C PRO B 252 -14.91 10.13 39.82
N THR B 253 -13.99 10.19 38.86
CA THR B 253 -12.63 9.72 39.05
C THR B 253 -11.64 10.88 39.24
N VAL B 254 -10.48 10.58 39.81
CA VAL B 254 -9.61 11.62 40.32
C VAL B 254 -8.22 11.47 39.73
N ALA B 255 -7.55 12.60 39.49
CA ALA B 255 -6.13 12.55 39.17
C ALA B 255 -5.38 12.16 40.47
N ALA B 256 -5.37 10.85 40.74
CA ALA B 256 -4.96 10.32 42.03
C ALA B 256 -3.50 9.89 42.07
N PRO B 257 -2.75 10.43 43.04
CA PRO B 257 -1.38 10.07 43.27
C PRO B 257 -1.25 8.61 43.62
N ARG B 258 -0.27 7.95 43.05
CA ARG B 258 -0.09 6.54 43.31
C ARG B 258 1.34 6.28 43.71
N THR B 259 1.63 5.03 44.08
CA THR B 259 2.99 4.59 44.36
C THR B 259 3.47 3.77 43.17
N TRP B 260 4.78 3.65 43.01
CA TRP B 260 5.30 2.91 41.87
C TRP B 260 4.93 1.42 41.93
N ALA B 261 4.74 0.90 43.13
CA ALA B 261 4.35 -0.52 43.25
C ALA B 261 2.96 -0.72 42.68
N GLU B 262 2.09 0.24 42.93
CA GLU B 262 0.74 0.18 42.39
C GLU B 262 0.71 -0.03 40.87
N LEU B 263 1.66 0.56 40.17
CA LEU B 263 1.62 0.47 38.70
C LEU B 263 1.88 -0.95 38.19
N ASP B 264 2.52 -1.77 39.03
CA ASP B 264 2.84 -3.17 38.67
C ASP B 264 1.60 -4.04 38.75
N ASP B 265 0.47 -3.43 39.04
CA ASP B 265 -0.76 -4.19 39.06
C ASP B 265 -1.37 -4.27 37.67
N PRO B 266 -1.47 -5.49 37.11
CA PRO B 266 -2.13 -5.76 35.82
C PRO B 266 -3.49 -5.10 35.72
N ALA B 267 -4.34 -5.34 36.72
CA ALA B 267 -5.69 -4.80 36.72
C ALA B 267 -5.83 -3.40 37.31
N LEU B 268 -4.71 -2.67 37.40
CA LEU B 268 -4.71 -1.30 37.91
C LEU B 268 -5.78 -0.46 37.22
N ARG B 269 -6.50 0.35 37.99
CA ARG B 269 -7.61 1.15 37.46
C ARG B 269 -7.60 2.60 37.99
N GLN B 270 -8.44 3.44 37.39
CA GLN B 270 -8.62 4.82 37.85
C GLN B 270 -9.26 4.84 39.22
N LEU B 271 -8.91 5.84 40.03
CA LEU B 271 -9.40 5.90 41.40
C LEU B 271 -10.56 6.85 41.59
N SER B 272 -11.51 6.44 42.42
CA SER B 272 -12.69 7.22 42.71
C SER B 272 -12.42 8.20 43.85
N TYR B 273 -13.30 9.18 44.00
CA TYR B 273 -13.09 10.24 44.98
C TYR B 273 -13.07 9.68 46.41
N ASP B 274 -13.97 8.74 46.68
CA ASP B 274 -14.06 8.13 48.00
C ASP B 274 -12.76 7.43 48.36
N GLU B 275 -12.20 6.71 47.40
CA GLU B 275 -10.99 5.93 47.65
C GLU B 275 -9.81 6.83 47.96
N VAL B 276 -9.69 7.92 47.19
CA VAL B 276 -8.69 8.94 47.41
C VAL B 276 -8.70 9.49 48.84
N LEU B 277 -9.88 9.85 49.31
CA LEU B 277 -10.00 10.31 50.69
C LEU B 277 -9.48 9.28 51.69
N THR B 278 -9.91 8.03 51.59
CA THR B 278 -9.50 7.01 52.54
C THR B 278 -7.99 6.96 52.61
N ARG B 279 -7.37 7.08 51.43
CA ARG B 279 -5.93 6.95 51.28
C ARG B 279 -5.16 8.16 51.80
N ILE B 280 -5.74 9.35 51.70
CA ILE B 280 -5.09 10.53 52.26
C ILE B 280 -5.01 10.42 53.76
N ALA B 281 -6.17 10.26 54.40
CA ALA B 281 -6.22 10.19 55.87
C ALA B 281 -5.29 9.09 56.37
N ARG B 282 -5.17 8.01 55.60
CA ARG B 282 -4.37 6.87 56.03
C ARG B 282 -2.89 7.15 55.90
N ASP B 283 -2.49 7.79 54.80
CA ASP B 283 -1.07 7.99 54.51
C ASP B 283 -0.68 9.45 54.31
N GLY B 284 -1.59 10.26 53.77
CA GLY B 284 -1.26 11.66 53.54
C GLY B 284 -0.99 11.91 52.08
N ASP B 285 -0.23 12.96 51.80
CA ASP B 285 0.12 13.35 50.44
C ASP B 285 1.32 12.56 49.91
N LEU B 286 1.09 11.69 48.92
CA LEU B 286 2.22 11.06 48.23
C LEU B 286 3.08 12.11 47.56
N LEU B 287 2.45 13.21 47.14
CA LEU B 287 3.15 14.25 46.40
C LEU B 287 3.72 15.33 47.32
N GLU B 288 3.76 15.03 48.60
CA GLU B 288 4.24 15.96 49.59
C GLU B 288 5.58 16.60 49.19
N ARG B 289 6.55 15.79 48.74
CA ARG B 289 7.86 16.32 48.39
C ARG B 289 7.83 17.09 47.06
N LEU B 290 6.69 17.09 46.39
CA LEU B 290 6.60 17.71 45.06
C LEU B 290 6.56 19.24 45.13
N ASP B 291 5.89 19.76 46.14
CA ASP B 291 5.96 21.20 46.34
C ASP B 291 6.31 21.49 47.77
N ALA B 292 7.59 21.42 48.12
CA ALA B 292 8.03 21.90 49.43
C ALA B 292 7.92 23.42 49.46
N GLN C 10 -16.43 -17.95 -53.49
CA GLN C 10 -15.07 -17.77 -54.09
C GLN C 10 -14.89 -16.34 -54.60
N ARG C 11 -15.68 -15.43 -54.03
CA ARG C 11 -15.57 -14.01 -54.31
C ARG C 11 -15.49 -13.22 -53.00
N VAL C 12 -14.71 -12.15 -52.99
CA VAL C 12 -14.68 -11.25 -51.85
C VAL C 12 -14.37 -9.85 -52.35
N THR C 13 -15.25 -8.89 -52.05
CA THR C 13 -14.93 -7.51 -52.40
C THR C 13 -14.42 -6.72 -51.19
N LEU C 14 -13.28 -6.09 -51.41
CA LEU C 14 -12.62 -5.26 -50.42
C LEU C 14 -13.42 -3.98 -50.20
N THR C 15 -13.71 -3.63 -48.95
CA THR C 15 -14.21 -2.28 -48.70
C THR C 15 -13.24 -1.54 -47.80
N ASN C 16 -13.38 -0.23 -47.74
CA ASN C 16 -12.50 0.60 -46.93
C ASN C 16 -11.05 0.52 -47.40
N ALA C 17 -10.86 0.23 -48.69
CA ALA C 17 -9.55 0.32 -49.28
C ALA C 17 -9.26 1.79 -49.17
N ASP C 18 -8.12 2.14 -48.62
CA ASP C 18 -7.82 3.54 -48.29
C ASP C 18 -7.68 3.69 -46.79
N LYS C 19 -8.62 3.14 -46.03
CA LYS C 19 -8.52 3.20 -44.57
C LYS C 19 -7.25 2.52 -44.11
N VAL C 20 -6.36 3.32 -43.55
CA VAL C 20 -5.08 2.86 -43.08
C VAL C 20 -5.29 2.06 -41.79
N LEU C 21 -4.77 0.84 -41.75
CA LEU C 21 -4.81 0.04 -40.53
C LEU C 21 -3.50 0.23 -39.75
N TYR C 22 -2.46 0.68 -40.45
CA TYR C 22 -1.20 1.01 -39.80
C TYR C 22 -0.85 2.49 -39.94
N PRO C 23 -1.23 3.30 -38.96
CA PRO C 23 -1.02 4.74 -39.08
C PRO C 23 0.44 5.17 -39.20
N ALA C 24 1.35 4.42 -38.59
CA ALA C 24 2.75 4.82 -38.52
C ALA C 24 3.47 4.70 -39.87
N THR C 25 2.94 3.88 -40.77
CA THR C 25 3.55 3.67 -42.08
C THR C 25 2.57 4.01 -43.20
N GLY C 26 1.30 4.12 -42.87
CA GLY C 26 0.30 4.47 -43.87
C GLY C 26 -0.21 3.27 -44.64
N THR C 27 0.31 2.11 -44.25
CA THR C 27 -0.16 0.85 -44.82
C THR C 27 -1.68 0.77 -44.85
N THR C 28 -2.21 0.70 -46.07
CA THR C 28 -3.65 0.73 -46.25
C THR C 28 -4.18 -0.67 -46.19
N LYS C 29 -5.51 -0.78 -46.05
CA LYS C 29 -6.17 -2.06 -46.07
C LYS C 29 -6.06 -2.67 -47.47
N SER C 30 -5.83 -1.80 -48.45
CA SER C 30 -5.65 -2.22 -49.82
C SER C 30 -4.31 -2.91 -49.98
N ASP C 31 -3.28 -2.33 -49.38
CA ASP C 31 -1.94 -2.90 -49.35
C ASP C 31 -1.98 -4.29 -48.74
N ILE C 32 -2.81 -4.45 -47.73
CA ILE C 32 -2.90 -5.69 -46.96
C ILE C 32 -3.51 -6.78 -47.81
N PHE C 33 -4.69 -6.51 -48.36
CA PHE C 33 -5.32 -7.43 -49.31
C PHE C 33 -4.29 -7.91 -50.30
N ASP C 34 -3.59 -6.93 -50.87
CA ASP C 34 -2.48 -7.08 -51.79
C ASP C 34 -1.41 -8.02 -51.25
N TYR C 35 -0.85 -7.66 -50.09
CA TYR C 35 0.24 -8.43 -49.51
C TYR C 35 -0.11 -9.91 -49.50
N TYR C 36 -1.31 -10.20 -49.01
CA TYR C 36 -1.78 -11.58 -48.88
C TYR C 36 -1.95 -12.25 -50.24
N ALA C 37 -2.52 -11.54 -51.21
CA ALA C 37 -2.60 -12.04 -52.58
C ALA C 37 -1.23 -12.44 -53.10
N GLY C 38 -0.20 -11.68 -52.71
CA GLY C 38 1.16 -11.97 -53.13
C GLY C 38 1.85 -13.13 -52.42
N VAL C 39 1.53 -13.35 -51.14
CA VAL C 39 2.14 -14.46 -50.40
C VAL C 39 1.27 -15.72 -50.34
N ALA C 40 0.09 -15.64 -50.95
CA ALA C 40 -0.89 -16.74 -50.89
C ALA C 40 -0.35 -18.07 -51.41
N GLU C 41 0.61 -18.01 -52.31
CA GLU C 41 1.13 -19.24 -52.87
C GLU C 41 2.09 -19.92 -51.91
N VAL C 42 2.95 -19.15 -51.27
CA VAL C 42 3.95 -19.73 -50.37
C VAL C 42 3.37 -19.95 -48.99
N MET C 43 2.30 -19.25 -48.66
CA MET C 43 1.79 -19.27 -47.28
C MET C 43 0.69 -20.33 -47.11
N LEU C 44 -0.09 -20.49 -48.17
CA LEU C 44 -1.24 -21.38 -48.12
C LEU C 44 -0.86 -22.71 -47.53
N GLY C 45 0.27 -23.26 -47.99
CA GLY C 45 0.72 -24.60 -47.60
C GLY C 45 0.97 -24.84 -46.12
N HIS C 46 1.29 -23.77 -45.39
CA HIS C 46 1.66 -23.89 -43.99
C HIS C 46 0.47 -23.71 -43.09
N ILE C 47 -0.64 -23.23 -43.65
CA ILE C 47 -1.86 -23.07 -42.87
C ILE C 47 -3.01 -23.89 -43.47
N ALA C 48 -2.76 -24.53 -44.61
CA ALA C 48 -3.83 -25.27 -45.29
C ALA C 48 -4.16 -26.53 -44.53
N GLY C 49 -5.43 -26.70 -44.18
CA GLY C 49 -5.89 -27.87 -43.42
C GLY C 49 -5.91 -27.69 -41.92
N ARG C 50 -5.63 -26.48 -41.44
CA ARG C 50 -5.58 -26.20 -40.01
C ARG C 50 -6.67 -25.19 -39.58
N PRO C 51 -7.20 -25.32 -38.36
CA PRO C 51 -8.13 -24.34 -37.81
C PRO C 51 -7.48 -22.98 -37.62
N ALA C 52 -8.15 -21.93 -38.11
CA ALA C 52 -7.57 -20.58 -38.19
C ALA C 52 -8.13 -19.60 -37.15
N THR C 53 -7.46 -19.48 -36.02
CA THR C 53 -7.69 -18.34 -35.14
C THR C 53 -7.35 -17.03 -35.88
N ARG C 54 -8.31 -16.09 -35.96
CA ARG C 54 -8.00 -14.75 -36.46
C ARG C 54 -7.76 -13.77 -35.32
N LYS C 55 -6.90 -12.79 -35.52
CA LYS C 55 -6.91 -11.63 -34.64
C LYS C 55 -7.07 -10.35 -35.44
N ARG C 56 -8.16 -9.63 -35.18
CA ARG C 56 -8.64 -8.55 -36.06
C ARG C 56 -8.49 -7.15 -35.48
N TRP C 57 -8.01 -6.22 -36.31
CA TRP C 57 -7.88 -4.81 -35.93
C TRP C 57 -8.75 -3.85 -36.77
N PRO C 58 -10.07 -4.02 -36.74
CA PRO C 58 -11.01 -3.25 -37.58
C PRO C 58 -10.61 -1.79 -37.77
N ASN C 59 -10.14 -1.18 -36.69
CA ASN C 59 -9.74 0.22 -36.69
C ASN C 59 -8.23 0.41 -36.66
N GLY C 60 -7.51 -0.51 -37.28
CA GLY C 60 -6.07 -0.45 -37.31
C GLY C 60 -5.42 -0.77 -35.96
N VAL C 61 -4.10 -0.86 -36.01
CA VAL C 61 -3.27 -1.22 -34.87
C VAL C 61 -3.37 -0.27 -33.69
N ASP C 62 -3.81 0.94 -33.95
CA ASP C 62 -3.89 1.94 -32.89
C ASP C 62 -5.16 1.79 -32.09
N GLN C 63 -6.06 0.92 -32.53
CA GLN C 63 -7.34 0.81 -31.85
C GLN C 63 -7.61 -0.60 -31.37
N PRO C 64 -8.37 -0.75 -30.29
CA PRO C 64 -8.55 -2.07 -29.68
C PRO C 64 -8.82 -3.18 -30.70
N ALA C 65 -8.18 -4.33 -30.51
CA ALA C 65 -8.39 -5.47 -31.40
C ALA C 65 -9.14 -6.59 -30.67
N PHE C 66 -9.28 -7.75 -31.31
CA PHE C 66 -9.91 -8.91 -30.69
C PHE C 66 -9.53 -10.24 -31.32
N PHE C 67 -9.24 -11.22 -30.46
CA PHE C 67 -9.04 -12.59 -30.88
C PHE C 67 -10.37 -13.22 -31.28
N GLU C 68 -10.47 -13.67 -32.52
CA GLU C 68 -11.64 -14.43 -32.99
C GLU C 68 -11.28 -15.89 -33.31
N LYS C 69 -12.12 -16.80 -32.86
CA LYS C 69 -11.91 -18.19 -33.13
C LYS C 69 -13.06 -18.72 -33.94
N GLN C 70 -14.25 -18.56 -33.38
CA GLN C 70 -15.49 -19.06 -33.98
C GLN C 70 -15.76 -18.38 -35.33
N LEU C 71 -16.35 -19.14 -36.25
CA LEU C 71 -16.65 -18.61 -37.58
C LEU C 71 -18.04 -17.99 -37.57
N ALA C 72 -18.11 -16.73 -37.99
CA ALA C 72 -19.34 -15.95 -37.91
C ALA C 72 -20.46 -16.57 -38.74
N LEU C 73 -21.64 -16.63 -38.16
CA LEU C 73 -22.82 -17.16 -38.84
C LEU C 73 -23.00 -16.51 -40.20
N SER C 74 -22.29 -15.41 -40.43
CA SER C 74 -22.46 -14.61 -41.63
C SER C 74 -21.28 -14.73 -42.57
N ALA C 75 -20.42 -15.71 -42.30
CA ALA C 75 -19.17 -15.84 -43.04
C ALA C 75 -19.40 -16.48 -44.41
N PRO C 76 -18.52 -16.17 -45.39
CA PRO C 76 -18.67 -16.74 -46.74
C PRO C 76 -19.03 -18.22 -46.70
N PRO C 77 -20.07 -18.60 -47.45
CA PRO C 77 -20.60 -19.97 -47.43
C PRO C 77 -19.60 -20.97 -47.97
N TRP C 78 -18.56 -20.49 -48.62
CA TRP C 78 -17.64 -21.37 -49.34
C TRP C 78 -16.36 -21.69 -48.58
N LEU C 79 -16.04 -20.89 -47.56
CA LEU C 79 -14.92 -21.16 -46.68
C LEU C 79 -15.01 -22.56 -46.08
N SER C 80 -13.88 -23.27 -46.04
CA SER C 80 -13.82 -24.57 -45.38
C SER C 80 -13.96 -24.41 -43.87
N ARG C 81 -14.69 -25.32 -43.26
CA ARG C 81 -15.04 -25.20 -41.86
C ARG C 81 -14.71 -26.52 -41.19
N ALA C 82 -14.64 -26.50 -39.87
CA ALA C 82 -14.48 -27.73 -39.11
C ALA C 82 -14.54 -27.41 -37.64
N THR C 83 -15.07 -28.33 -36.85
CA THR C 83 -15.37 -28.03 -35.46
C THR C 83 -14.51 -28.79 -34.45
N VAL C 84 -14.24 -28.17 -33.30
CA VAL C 84 -13.62 -28.87 -32.18
C VAL C 84 -14.45 -28.74 -30.90
N ALA C 85 -14.41 -29.78 -30.07
CA ALA C 85 -15.16 -29.75 -28.81
C ALA C 85 -14.29 -29.25 -27.66
N HIS C 86 -14.42 -27.96 -27.35
CA HIS C 86 -13.76 -27.36 -26.18
C HIS C 86 -14.56 -27.65 -24.93
N ARG C 87 -13.96 -28.37 -23.97
CA ARG C 87 -14.66 -28.69 -22.71
C ARG C 87 -15.87 -27.80 -22.44
N SER C 88 -15.72 -26.48 -22.55
CA SER C 88 -16.84 -25.55 -22.27
C SER C 88 -17.82 -25.36 -23.43
N GLY C 89 -17.90 -26.34 -24.33
CA GLY C 89 -18.78 -26.28 -25.50
C GLY C 89 -18.09 -26.63 -26.81
N THR C 90 -18.53 -26.02 -27.90
CA THR C 90 -18.00 -26.33 -29.23
C THR C 90 -17.55 -25.09 -30.00
N THR C 91 -16.55 -25.26 -30.87
CA THR C 91 -16.10 -24.17 -31.72
C THR C 91 -15.87 -24.64 -33.15
N THR C 92 -16.50 -23.95 -34.10
CA THR C 92 -16.31 -24.23 -35.50
C THR C 92 -15.37 -23.20 -36.12
N TYR C 93 -14.21 -23.66 -36.57
CA TYR C 93 -13.16 -22.81 -37.13
C TYR C 93 -13.21 -22.77 -38.66
N PRO C 94 -12.81 -21.63 -39.23
CA PRO C 94 -12.56 -21.56 -40.66
C PRO C 94 -11.19 -22.17 -41.00
N ILE C 95 -11.13 -22.92 -42.10
CA ILE C 95 -9.88 -23.43 -42.61
C ILE C 95 -9.48 -22.66 -43.86
N ILE C 96 -8.44 -21.84 -43.75
CA ILE C 96 -7.98 -21.05 -44.89
C ILE C 96 -7.04 -21.88 -45.74
N ASP C 97 -7.53 -22.31 -46.90
CA ASP C 97 -6.74 -23.15 -47.76
C ASP C 97 -6.84 -22.60 -49.16
N SER C 98 -7.26 -21.36 -49.26
CA SER C 98 -7.58 -20.80 -50.55
C SER C 98 -7.08 -19.37 -50.70
N ALA C 99 -6.71 -19.00 -51.92
CA ALA C 99 -6.31 -17.62 -52.20
C ALA C 99 -7.44 -16.63 -51.90
N THR C 100 -8.67 -16.97 -52.30
CA THR C 100 -9.85 -16.20 -51.90
C THR C 100 -10.04 -16.26 -50.39
N GLY C 101 -9.61 -17.37 -49.80
CA GLY C 101 -9.67 -17.49 -48.35
C GLY C 101 -8.84 -16.39 -47.74
N LEU C 102 -7.72 -16.07 -48.38
CA LEU C 102 -6.82 -15.05 -47.83
C LEU C 102 -7.32 -13.64 -48.14
N ALA C 103 -8.18 -13.55 -49.15
CA ALA C 103 -8.87 -12.31 -49.45
C ALA C 103 -9.82 -11.95 -48.31
N TRP C 104 -10.63 -12.92 -47.89
CA TRP C 104 -11.55 -12.78 -46.76
C TRP C 104 -10.80 -12.29 -45.53
N ILE C 105 -9.75 -13.02 -45.18
CA ILE C 105 -8.91 -12.69 -44.05
C ILE C 105 -8.52 -11.23 -44.11
N ALA C 106 -7.93 -10.82 -45.22
CA ALA C 106 -7.61 -9.41 -45.44
C ALA C 106 -8.82 -8.51 -45.18
N GLN C 107 -9.91 -8.77 -45.91
CA GLN C 107 -11.14 -7.95 -45.87
C GLN C 107 -11.67 -7.84 -44.44
N GLN C 108 -11.29 -8.80 -43.60
CA GLN C 108 -11.77 -8.87 -42.25
C GLN C 108 -11.00 -7.95 -41.32
N ALA C 109 -9.94 -7.35 -41.85
CA ALA C 109 -8.88 -6.76 -41.04
C ALA C 109 -8.26 -7.80 -40.09
N ALA C 110 -8.28 -9.07 -40.49
CA ALA C 110 -7.62 -10.11 -39.69
C ALA C 110 -6.13 -10.14 -40.01
N LEU C 111 -5.39 -9.17 -39.45
CA LEU C 111 -3.97 -9.03 -39.75
C LEU C 111 -3.19 -10.28 -39.37
N GLU C 112 -3.48 -10.86 -38.21
CA GLU C 112 -2.76 -12.04 -37.77
C GLU C 112 -3.52 -13.33 -38.04
N VAL C 113 -2.80 -14.35 -38.52
CA VAL C 113 -3.40 -15.66 -38.66
C VAL C 113 -2.64 -16.63 -37.78
N HIS C 114 -3.37 -17.26 -36.87
CA HIS C 114 -2.81 -18.14 -35.87
C HIS C 114 -3.33 -19.55 -36.09
N VAL C 115 -2.43 -20.53 -36.06
CA VAL C 115 -2.80 -21.92 -36.30
C VAL C 115 -2.02 -22.83 -35.34
N PRO C 116 -2.46 -24.11 -35.22
CA PRO C 116 -1.71 -25.07 -34.41
C PRO C 116 -0.94 -26.00 -35.31
N GLN C 117 -0.07 -26.84 -34.73
CA GLN C 117 0.82 -27.66 -35.56
C GLN C 117 0.23 -29.00 -36.05
N TRP C 118 -1.08 -29.21 -35.87
CA TRP C 118 -1.76 -30.36 -36.49
C TRP C 118 -2.69 -29.94 -37.64
N ARG C 119 -3.11 -30.93 -38.43
CA ARG C 119 -4.08 -30.72 -39.50
C ARG C 119 -5.38 -31.48 -39.28
N PHE C 120 -6.44 -31.07 -39.97
CA PHE C 120 -7.69 -31.80 -39.90
C PHE C 120 -7.60 -33.03 -40.79
N VAL C 121 -8.07 -34.16 -40.26
CA VAL C 121 -8.11 -35.38 -41.04
C VAL C 121 -9.54 -35.86 -41.17
N ALA C 122 -10.00 -35.94 -42.42
CA ALA C 122 -11.31 -36.51 -42.73
C ALA C 122 -11.38 -37.98 -42.30
N GLU C 123 -12.14 -38.24 -41.25
CA GLU C 123 -12.36 -39.61 -40.82
C GLU C 123 -13.03 -40.40 -41.96
N PRO C 124 -12.31 -41.41 -42.51
CA PRO C 124 -12.77 -42.10 -43.71
C PRO C 124 -14.16 -42.72 -43.58
N GLY C 125 -14.54 -43.09 -42.36
CA GLY C 125 -15.86 -43.62 -42.09
C GLY C 125 -16.94 -42.56 -42.28
N SER C 126 -16.74 -41.42 -41.62
CA SER C 126 -17.75 -40.35 -41.64
C SER C 126 -17.48 -39.28 -42.71
N GLY C 127 -16.23 -39.15 -43.14
CA GLY C 127 -15.84 -38.10 -44.07
C GLY C 127 -15.74 -36.76 -43.36
N GLU C 128 -16.20 -36.73 -42.12
CA GLU C 128 -16.19 -35.51 -41.33
C GLU C 128 -14.78 -35.12 -40.84
N LEU C 129 -14.50 -33.82 -40.91
CA LEU C 129 -13.22 -33.27 -40.49
C LEU C 129 -13.02 -33.36 -38.99
N ASN C 130 -11.86 -33.88 -38.60
CA ASN C 130 -11.48 -33.95 -37.19
C ASN C 130 -10.00 -33.70 -37.02
N PRO C 131 -9.59 -33.35 -35.80
CA PRO C 131 -8.18 -33.05 -35.56
C PRO C 131 -7.27 -34.25 -35.81
N GLY C 132 -6.27 -34.10 -36.66
CA GLY C 132 -5.26 -35.13 -36.85
C GLY C 132 -4.03 -35.02 -35.95
N PRO C 133 -2.96 -35.75 -36.28
CA PRO C 133 -1.69 -35.72 -35.58
C PRO C 133 -0.91 -34.45 -35.96
N ALA C 134 0.13 -34.14 -35.18
CA ALA C 134 0.96 -32.96 -35.46
C ALA C 134 1.88 -33.30 -36.59
N THR C 135 1.90 -32.46 -37.60
CA THR C 135 2.77 -32.73 -38.73
C THR C 135 4.13 -32.06 -38.53
N ARG C 136 4.19 -31.14 -37.56
CA ARG C 136 5.41 -30.35 -37.35
C ARG C 136 5.51 -29.92 -35.91
N LEU C 137 6.75 -29.75 -35.47
CA LEU C 137 7.05 -29.18 -34.18
C LEU C 137 7.30 -27.69 -34.34
N VAL C 138 6.89 -26.90 -33.35
CA VAL C 138 7.29 -25.51 -33.26
C VAL C 138 7.89 -25.21 -31.89
N PHE C 139 8.94 -24.36 -31.88
CA PHE C 139 9.55 -23.85 -30.65
C PHE C 139 9.52 -22.36 -30.79
N ASP C 140 9.19 -21.71 -29.67
CA ASP C 140 9.06 -20.29 -29.65
C ASP C 140 10.12 -19.77 -28.69
N LEU C 141 11.16 -19.19 -29.24
CA LEU C 141 12.27 -18.75 -28.38
C LEU C 141 12.11 -17.29 -27.90
N ASP C 142 11.74 -17.12 -26.66
CA ASP C 142 11.49 -15.78 -26.17
C ASP C 142 12.65 -15.28 -25.35
N PRO C 143 13.31 -14.23 -25.84
CA PRO C 143 14.47 -13.70 -25.16
C PRO C 143 14.00 -12.85 -23.99
N GLY C 144 14.63 -13.00 -22.84
CA GLY C 144 14.28 -12.18 -21.65
C GLY C 144 14.99 -10.84 -21.64
N GLU C 145 14.82 -10.06 -20.58
CA GLU C 145 15.48 -8.74 -20.47
C GLU C 145 16.97 -8.99 -20.45
N GLY C 146 17.73 -8.19 -21.18
CA GLY C 146 19.18 -8.34 -21.23
C GLY C 146 19.79 -9.35 -22.20
N VAL C 147 19.03 -9.94 -23.12
CA VAL C 147 19.68 -10.93 -24.01
C VAL C 147 19.76 -10.44 -25.45
N MET C 148 20.92 -10.61 -26.07
CA MET C 148 21.13 -10.11 -27.45
C MET C 148 20.93 -11.20 -28.50
N MET C 149 20.99 -10.82 -29.77
CA MET C 149 20.88 -11.76 -30.86
C MET C 149 21.86 -12.90 -30.70
N ALA C 150 23.11 -12.57 -30.37
CA ALA C 150 24.14 -13.57 -30.13
C ALA C 150 23.58 -14.75 -29.32
N GLN C 151 23.19 -14.51 -28.08
CA GLN C 151 22.69 -15.57 -27.24
C GLN C 151 21.42 -16.24 -27.83
N LEU C 152 20.59 -15.45 -28.48
CA LEU C 152 19.36 -15.95 -29.03
C LEU C 152 19.62 -16.94 -30.17
N ALA C 153 20.63 -16.62 -30.99
CA ALA C 153 21.07 -17.48 -32.08
C ALA C 153 21.77 -18.71 -31.57
N GLU C 154 22.72 -18.54 -30.67
CA GLU C 154 23.42 -19.70 -30.14
C GLU C 154 22.40 -20.71 -29.55
N VAL C 155 21.38 -20.18 -28.88
CA VAL C 155 20.34 -21.02 -28.33
C VAL C 155 19.55 -21.63 -29.50
N ALA C 156 19.29 -20.85 -30.53
CA ALA C 156 18.55 -21.39 -31.66
C ALA C 156 19.33 -22.52 -32.32
N ARG C 157 20.63 -22.28 -32.55
CA ARG C 157 21.46 -23.26 -33.20
C ARG C 157 21.54 -24.54 -32.34
N ALA C 158 21.51 -24.35 -31.03
CA ALA C 158 21.61 -25.49 -30.14
C ALA C 158 20.34 -26.37 -30.23
N VAL C 159 19.18 -25.72 -30.36
CA VAL C 159 17.91 -26.42 -30.50
C VAL C 159 17.92 -27.23 -31.77
N ARG C 160 18.56 -26.65 -32.79
CA ARG C 160 18.70 -27.26 -34.11
C ARG C 160 19.59 -28.47 -34.03
N ASP C 161 20.67 -28.30 -33.29
CA ASP C 161 21.63 -29.38 -33.23
C ASP C 161 20.95 -30.53 -32.54
N LEU C 162 20.21 -30.23 -31.48
CA LEU C 162 19.57 -31.25 -30.68
C LEU C 162 18.60 -32.02 -31.53
N LEU C 163 17.74 -31.28 -32.22
CA LEU C 163 16.84 -31.84 -33.21
C LEU C 163 17.56 -32.56 -34.36
N ALA C 164 18.61 -31.95 -34.90
CA ALA C 164 19.46 -32.66 -35.88
C ALA C 164 19.88 -34.02 -35.36
N ASP C 165 20.10 -34.08 -34.04
CA ASP C 165 20.54 -35.32 -33.39
C ASP C 165 19.62 -36.51 -33.61
N ILE C 166 18.37 -36.28 -34.00
CA ILE C 166 17.48 -37.40 -34.30
C ILE C 166 16.99 -37.31 -35.73
N GLY C 167 17.86 -36.76 -36.59
CA GLY C 167 17.63 -36.65 -38.01
C GLY C 167 16.64 -35.60 -38.42
N LEU C 168 16.35 -34.62 -37.57
CA LEU C 168 15.35 -33.61 -37.94
C LEU C 168 15.91 -32.27 -38.38
N VAL C 169 15.23 -31.67 -39.36
CA VAL C 169 15.62 -30.41 -39.97
C VAL C 169 14.77 -29.31 -39.36
N THR C 170 15.40 -28.14 -39.13
CA THR C 170 14.72 -27.04 -38.48
C THR C 170 14.82 -25.74 -39.27
N PHE C 171 13.78 -24.91 -39.19
CA PHE C 171 13.62 -23.74 -40.04
C PHE C 171 13.36 -22.49 -39.23
N PRO C 172 14.25 -21.49 -39.29
CA PRO C 172 14.05 -20.31 -38.43
C PRO C 172 13.06 -19.33 -39.04
N VAL C 173 12.23 -18.70 -38.19
CA VAL C 173 11.19 -17.74 -38.60
C VAL C 173 11.14 -16.59 -37.59
N THR C 174 11.61 -15.40 -37.96
CA THR C 174 11.50 -14.29 -37.02
C THR C 174 10.00 -13.96 -36.91
N SER C 175 9.48 -13.89 -35.68
CA SER C 175 8.03 -13.77 -35.47
C SER C 175 7.44 -12.45 -35.95
N GLY C 176 8.28 -11.44 -36.10
CA GLY C 176 7.79 -10.13 -36.44
C GLY C 176 7.61 -9.26 -35.22
N SER C 177 7.96 -9.77 -34.04
CA SER C 177 8.02 -8.91 -32.86
C SER C 177 9.37 -9.06 -32.18
N LYS C 178 9.53 -10.07 -31.31
CA LYS C 178 10.85 -10.37 -30.75
C LYS C 178 11.09 -11.88 -30.70
N GLY C 179 10.00 -12.63 -30.58
CA GLY C 179 10.12 -14.10 -30.51
C GLY C 179 10.79 -14.66 -31.73
N LEU C 180 11.77 -15.52 -31.53
CA LEU C 180 12.33 -16.22 -32.65
C LEU C 180 11.67 -17.61 -32.72
N HIS C 181 10.94 -17.89 -33.80
CA HIS C 181 10.24 -19.18 -33.96
C HIS C 181 10.99 -20.23 -34.79
N LEU C 182 10.82 -21.51 -34.40
CA LEU C 182 11.60 -22.61 -34.97
C LEU C 182 10.69 -23.80 -35.35
N TYR C 183 10.75 -24.21 -36.60
CA TYR C 183 9.86 -25.27 -37.04
C TYR C 183 10.58 -26.51 -37.55
N THR C 184 10.01 -27.68 -37.27
CA THR C 184 10.56 -28.92 -37.78
C THR C 184 9.47 -29.81 -38.31
N PRO C 185 9.67 -30.31 -39.54
CA PRO C 185 8.73 -31.25 -40.11
C PRO C 185 8.97 -32.66 -39.57
N LEU C 186 7.92 -33.30 -39.11
CA LEU C 186 8.06 -34.67 -38.62
C LEU C 186 7.95 -35.57 -39.83
N ASP C 187 8.84 -36.55 -39.94
CA ASP C 187 8.69 -37.42 -41.11
C ASP C 187 7.57 -38.43 -40.89
N GLU C 188 7.36 -38.78 -39.63
CA GLU C 188 6.23 -39.56 -39.21
C GLU C 188 5.34 -38.72 -38.33
N PRO C 189 4.07 -38.50 -38.75
CA PRO C 189 3.31 -37.66 -37.82
C PRO C 189 3.02 -38.41 -36.50
N VAL C 190 2.80 -37.64 -35.44
CA VAL C 190 2.66 -38.20 -34.12
C VAL C 190 1.69 -37.28 -33.41
N SER C 191 1.11 -37.75 -32.31
CA SER C 191 0.06 -37.00 -31.65
C SER C 191 0.62 -35.72 -31.03
N SER C 192 -0.25 -34.73 -30.89
CA SER C 192 0.14 -33.46 -30.29
C SER C 192 0.86 -33.68 -28.96
N ARG C 193 0.39 -34.68 -28.23
CA ARG C 193 0.93 -35.01 -26.90
C ARG C 193 2.31 -35.57 -27.05
N GLY C 194 2.44 -36.53 -27.96
CA GLY C 194 3.73 -37.14 -28.22
C GLY C 194 4.74 -36.10 -28.63
N ALA C 195 4.29 -35.15 -29.45
CA ALA C 195 5.13 -34.06 -30.02
C ALA C 195 5.50 -33.04 -28.93
N THR C 196 4.58 -32.84 -28.01
CA THR C 196 4.77 -31.99 -26.85
C THR C 196 5.80 -32.59 -25.89
N VAL C 197 5.80 -33.92 -25.78
CA VAL C 197 6.82 -34.62 -25.00
C VAL C 197 8.20 -34.41 -25.62
N LEU C 198 8.30 -34.60 -26.92
CA LEU C 198 9.59 -34.44 -27.57
C LEU C 198 10.13 -33.00 -27.38
N ALA C 199 9.28 -32.02 -27.67
CA ALA C 199 9.62 -30.63 -27.56
C ALA C 199 10.04 -30.29 -26.13
N LYS C 200 9.30 -30.87 -25.20
CA LYS C 200 9.58 -30.67 -23.80
C LYS C 200 10.95 -31.21 -23.50
N ARG C 201 11.21 -32.45 -23.93
CA ARG C 201 12.50 -33.09 -23.68
C ARG C 201 13.67 -32.33 -24.32
N VAL C 202 13.46 -31.78 -25.51
CA VAL C 202 14.50 -30.98 -26.12
C VAL C 202 14.82 -29.73 -25.27
N ALA C 203 13.77 -29.00 -24.91
CA ALA C 203 13.92 -27.82 -24.07
C ALA C 203 14.54 -28.16 -22.72
N GLN C 204 14.22 -29.31 -22.18
CA GLN C 204 14.80 -29.61 -20.90
C GLN C 204 16.27 -29.92 -21.05
N ARG C 205 16.63 -30.60 -22.13
CA ARG C 205 18.03 -30.96 -22.34
C ARG C 205 18.84 -29.69 -22.55
N LEU C 206 18.23 -28.72 -23.22
CA LEU C 206 18.95 -27.50 -23.54
C LEU C 206 19.20 -26.69 -22.26
N GLU C 207 18.14 -26.57 -21.47
CA GLU C 207 18.19 -25.98 -20.14
C GLU C 207 19.24 -26.63 -19.27
N GLN C 208 19.23 -27.97 -19.21
CA GLN C 208 20.21 -28.66 -18.38
C GLN C 208 21.65 -28.35 -18.84
N ALA C 209 21.84 -28.19 -20.15
CA ALA C 209 23.17 -28.01 -20.69
C ALA C 209 23.64 -26.55 -20.64
N MET C 210 22.71 -25.60 -20.74
CA MET C 210 23.06 -24.17 -20.74
C MET C 210 22.31 -23.44 -19.62
N PRO C 211 22.39 -23.94 -18.40
CA PRO C 211 21.60 -23.34 -17.33
C PRO C 211 21.66 -21.81 -17.31
N ALA C 212 22.84 -21.24 -17.56
CA ALA C 212 23.01 -19.78 -17.51
C ALA C 212 22.22 -19.05 -18.58
N LEU C 213 21.76 -19.78 -19.59
CA LEU C 213 21.26 -19.18 -20.83
C LEU C 213 19.82 -19.52 -21.16
N VAL C 214 19.41 -20.70 -20.75
CA VAL C 214 18.16 -21.25 -21.23
C VAL C 214 17.28 -21.66 -20.06
N THR C 215 16.03 -21.19 -20.06
CA THR C 215 15.04 -21.78 -19.18
C THR C 215 13.96 -22.50 -20.01
N SER C 216 13.37 -23.54 -19.44
CA SER C 216 12.27 -24.26 -20.13
C SER C 216 10.90 -23.89 -19.61
N THR C 217 10.84 -22.93 -18.69
CA THR C 217 9.56 -22.53 -18.08
C THR C 217 9.28 -21.07 -18.17
N MET C 218 8.01 -20.72 -18.07
CA MET C 218 7.61 -19.37 -18.34
C MET C 218 7.78 -18.46 -17.15
N THR C 219 7.86 -19.05 -15.95
CA THR C 219 7.79 -18.23 -14.75
C THR C 219 8.66 -16.98 -14.88
N LYS C 220 7.98 -15.86 -14.99
CA LYS C 220 8.54 -14.61 -15.42
C LYS C 220 9.76 -14.20 -14.61
N SER C 221 9.76 -14.50 -13.32
CA SER C 221 10.84 -14.07 -12.44
C SER C 221 12.12 -14.85 -12.65
N LEU C 222 12.10 -15.79 -13.58
CA LEU C 222 13.25 -16.64 -13.82
C LEU C 222 13.77 -16.41 -15.24
N ARG C 223 13.16 -15.47 -15.95
CA ARG C 223 13.46 -15.28 -17.36
C ARG C 223 14.47 -14.17 -17.60
N ALA C 224 15.10 -13.67 -16.55
CA ALA C 224 16.01 -12.55 -16.68
C ALA C 224 17.34 -13.03 -17.20
N GLY C 225 17.66 -12.62 -18.42
CA GLY C 225 18.94 -12.97 -19.02
C GLY C 225 18.94 -14.31 -19.71
N LYS C 226 17.78 -14.93 -19.81
CA LYS C 226 17.69 -16.26 -20.38
C LYS C 226 16.77 -16.14 -21.57
N VAL C 227 16.92 -17.08 -22.51
CA VAL C 227 15.95 -17.29 -23.58
C VAL C 227 14.97 -18.36 -23.11
N PHE C 228 13.66 -18.09 -23.18
CA PHE C 228 12.66 -19.11 -22.82
C PHE C 228 12.35 -20.00 -24.04
N VAL C 229 12.79 -21.26 -23.98
CA VAL C 229 12.50 -22.12 -25.11
C VAL C 229 11.13 -22.72 -24.88
N ASP C 230 10.14 -22.04 -25.41
CA ASP C 230 8.81 -22.49 -25.15
C ASP C 230 8.45 -23.67 -26.07
N TRP C 231 8.19 -24.81 -25.43
CA TRP C 231 7.92 -26.05 -26.10
C TRP C 231 6.43 -26.41 -26.09
N SER C 232 5.61 -25.60 -25.43
CA SER C 232 4.23 -26.02 -25.12
C SER C 232 3.22 -25.71 -26.21
N GLN C 233 3.56 -24.83 -27.12
CA GLN C 233 2.59 -24.50 -28.19
C GLN C 233 2.37 -25.67 -29.14
N ASN C 234 3.03 -26.79 -28.85
CA ASN C 234 2.79 -28.06 -29.55
C ASN C 234 1.59 -28.86 -28.98
N SER C 235 1.01 -28.42 -27.85
CA SER C 235 -0.27 -28.96 -27.39
C SER C 235 -1.30 -28.74 -28.50
N GLY C 236 -2.16 -29.73 -28.69
CA GLY C 236 -3.16 -29.67 -29.77
C GLY C 236 -4.12 -28.50 -29.67
N SER C 237 -4.26 -27.95 -28.46
CA SER C 237 -5.18 -26.83 -28.21
C SER C 237 -4.49 -25.46 -28.20
N LYS C 238 -3.20 -25.42 -28.44
CA LYS C 238 -2.53 -24.12 -28.51
C LYS C 238 -2.20 -23.70 -29.94
N THR C 239 -2.12 -22.41 -30.16
CA THR C 239 -1.83 -21.91 -31.48
C THR C 239 -0.64 -20.95 -31.55
N THR C 240 -0.06 -20.85 -32.76
CA THR C 240 1.15 -20.07 -32.97
C THR C 240 0.90 -19.22 -34.19
N ILE C 241 1.47 -18.01 -34.24
CA ILE C 241 1.28 -17.15 -35.42
C ILE C 241 1.79 -17.85 -36.65
N ALA C 242 1.01 -17.86 -37.72
CA ALA C 242 1.38 -18.63 -38.90
C ALA C 242 2.47 -17.95 -39.73
N PRO C 243 3.42 -18.74 -40.28
CA PRO C 243 4.37 -18.14 -41.20
C PRO C 243 3.72 -17.29 -42.29
N TYR C 244 4.34 -16.14 -42.53
CA TYR C 244 3.94 -15.25 -43.60
C TYR C 244 2.78 -14.38 -43.17
N SER C 245 2.36 -14.53 -41.91
CA SER C 245 1.30 -13.68 -41.39
C SER C 245 1.84 -12.29 -41.07
N LEU C 246 0.96 -11.31 -41.20
CA LEU C 246 1.21 -9.96 -40.76
C LEU C 246 1.23 -9.86 -39.23
N ARG C 247 1.62 -8.69 -38.76
CA ARG C 247 1.72 -8.44 -37.34
C ARG C 247 0.84 -7.25 -36.99
N GLY C 248 0.15 -7.31 -35.85
CA GLY C 248 -0.67 -6.18 -35.45
C GLY C 248 0.15 -5.21 -34.62
N ARG C 249 1.30 -4.82 -35.17
CA ARG C 249 2.21 -3.92 -34.48
C ARG C 249 2.14 -2.52 -35.04
N THR C 250 2.99 -1.64 -34.50
CA THR C 250 3.04 -0.26 -34.97
C THR C 250 3.49 -0.20 -36.43
N HIS C 251 4.33 -1.16 -36.82
CA HIS C 251 4.74 -1.34 -38.23
C HIS C 251 4.18 -2.65 -38.70
N PRO C 252 4.12 -2.85 -40.04
CA PRO C 252 3.70 -4.14 -40.60
C PRO C 252 4.82 -5.17 -40.71
N THR C 253 5.35 -5.60 -39.57
CA THR C 253 6.31 -6.66 -39.57
C THR C 253 5.60 -8.00 -39.82
N VAL C 254 6.33 -8.96 -40.35
CA VAL C 254 5.77 -10.23 -40.80
C VAL C 254 6.43 -11.39 -40.05
N ALA C 255 5.75 -12.53 -39.98
CA ALA C 255 6.35 -13.74 -39.45
C ALA C 255 7.13 -14.34 -40.62
N ALA C 256 8.42 -14.01 -40.69
CA ALA C 256 9.17 -14.19 -41.92
C ALA C 256 10.17 -15.32 -41.84
N PRO C 257 10.11 -16.24 -42.82
CA PRO C 257 11.09 -17.32 -42.92
C PRO C 257 12.48 -16.75 -43.21
N ARG C 258 13.46 -17.23 -42.46
CA ARG C 258 14.77 -16.66 -42.53
C ARG C 258 15.76 -17.81 -42.60
N THR C 259 16.97 -17.56 -43.14
CA THR C 259 18.02 -18.61 -43.14
C THR C 259 18.85 -18.57 -41.86
N TRP C 260 19.60 -19.64 -41.62
CA TRP C 260 20.49 -19.68 -40.49
C TRP C 260 21.64 -18.68 -40.57
N ALA C 261 22.13 -18.46 -41.79
CA ALA C 261 23.23 -17.53 -42.00
C ALA C 261 22.80 -16.18 -41.47
N GLU C 262 21.66 -15.67 -41.96
CA GLU C 262 21.07 -14.44 -41.49
C GLU C 262 21.12 -14.32 -39.97
N LEU C 263 20.68 -15.37 -39.26
CA LEU C 263 20.60 -15.31 -37.78
C LEU C 263 21.95 -14.95 -37.13
N ASP C 264 23.04 -15.20 -37.85
CA ASP C 264 24.40 -14.84 -37.44
C ASP C 264 24.58 -13.31 -37.43
N ASP C 265 23.59 -12.60 -37.94
CA ASP C 265 23.69 -11.15 -38.11
C ASP C 265 23.17 -10.46 -36.86
N PRO C 266 24.08 -9.83 -36.10
CA PRO C 266 23.66 -9.09 -34.89
C PRO C 266 22.58 -8.06 -35.21
N ALA C 267 22.68 -7.42 -36.37
CA ALA C 267 21.71 -6.42 -36.78
C ALA C 267 20.37 -7.05 -37.07
N LEU C 268 20.31 -8.38 -37.00
CA LEU C 268 19.10 -9.07 -37.43
C LEU C 268 17.94 -8.29 -36.88
N ARG C 269 17.00 -7.92 -37.75
CA ARG C 269 15.77 -7.29 -37.29
C ARG C 269 14.57 -7.92 -37.95
N GLN C 270 13.39 -7.41 -37.66
CA GLN C 270 12.19 -7.97 -38.21
C GLN C 270 12.08 -7.49 -39.64
N LEU C 271 11.26 -8.18 -40.42
CA LEU C 271 11.06 -7.82 -41.82
C LEU C 271 9.66 -7.28 -42.02
N SER C 272 9.53 -6.28 -42.87
CA SER C 272 8.23 -5.76 -43.19
C SER C 272 7.69 -6.53 -44.37
N TYR C 273 6.45 -6.25 -44.71
CA TYR C 273 5.75 -7.05 -45.69
C TYR C 273 6.28 -6.81 -47.10
N ASP C 274 6.86 -5.63 -47.34
CA ASP C 274 7.36 -5.31 -48.68
C ASP C 274 8.64 -6.07 -48.96
N GLU C 275 9.51 -6.13 -47.95
CA GLU C 275 10.75 -6.87 -48.06
C GLU C 275 10.44 -8.35 -48.25
N VAL C 276 9.38 -8.82 -47.60
CA VAL C 276 9.02 -10.23 -47.67
C VAL C 276 8.52 -10.64 -49.03
N LEU C 277 7.77 -9.76 -49.68
CA LEU C 277 7.36 -9.98 -51.07
C LEU C 277 8.59 -10.04 -51.98
N THR C 278 9.54 -9.12 -51.81
CA THR C 278 10.73 -9.10 -52.67
C THR C 278 11.51 -10.39 -52.49
N ARG C 279 11.53 -10.93 -51.26
CA ARG C 279 12.28 -12.16 -51.01
C ARG C 279 11.64 -13.38 -51.65
N ILE C 280 10.37 -13.63 -51.36
CA ILE C 280 9.61 -14.62 -52.11
C ILE C 280 10.00 -14.62 -53.57
N ALA C 281 9.98 -13.43 -54.19
CA ALA C 281 10.18 -13.32 -55.63
C ALA C 281 11.59 -13.75 -56.04
N ARG C 282 12.53 -13.66 -55.10
CA ARG C 282 13.93 -13.84 -55.43
C ARG C 282 14.40 -15.22 -55.03
N ASP C 283 14.04 -15.66 -53.82
CA ASP C 283 14.48 -16.99 -53.36
C ASP C 283 13.36 -18.06 -53.29
N GLY C 284 12.10 -17.67 -53.32
CA GLY C 284 11.01 -18.66 -53.12
C GLY C 284 10.66 -18.85 -51.64
N ASP C 285 10.00 -19.96 -51.30
CA ASP C 285 9.56 -20.26 -49.92
C ASP C 285 10.58 -21.09 -49.16
N LEU C 286 11.36 -20.42 -48.31
CA LEU C 286 12.29 -21.06 -47.40
C LEU C 286 11.63 -22.12 -46.50
N LEU C 287 10.31 -22.16 -46.45
CA LEU C 287 9.63 -23.19 -45.67
C LEU C 287 9.00 -24.28 -46.53
N GLU C 288 9.44 -24.37 -47.77
CA GLU C 288 8.86 -25.31 -48.74
C GLU C 288 8.84 -26.74 -48.27
N ARG C 289 9.84 -27.12 -47.48
CA ARG C 289 9.93 -28.51 -47.08
C ARG C 289 9.09 -28.79 -45.83
N LEU C 290 8.59 -27.75 -45.17
CA LEU C 290 7.90 -27.91 -43.88
C LEU C 290 6.56 -28.64 -43.99
N ASP C 291 5.79 -28.33 -45.02
CA ASP C 291 4.49 -28.94 -45.21
C ASP C 291 4.39 -29.37 -46.64
N ALA C 292 5.24 -30.30 -47.04
CA ALA C 292 5.23 -30.71 -48.44
C ALA C 292 4.18 -31.80 -48.69
N ASP C 293 2.92 -31.50 -48.38
CA ASP C 293 1.85 -32.47 -48.53
C ASP C 293 0.78 -32.02 -49.50
N GLN D 10 -12.68 -4.21 17.52
CA GLN D 10 -12.10 -5.57 17.72
C GLN D 10 -13.18 -6.62 17.91
N ARG D 11 -14.43 -6.24 17.73
CA ARG D 11 -15.53 -7.17 17.91
C ARG D 11 -16.15 -7.45 16.55
N VAL D 12 -16.58 -8.69 16.37
CA VAL D 12 -17.21 -9.11 15.15
C VAL D 12 -18.48 -9.84 15.55
N THR D 13 -19.61 -9.34 15.07
CA THR D 13 -20.87 -10.00 15.31
C THR D 13 -21.23 -10.97 14.14
N LEU D 14 -21.47 -12.22 14.48
CA LEU D 14 -21.84 -13.22 13.49
C LEU D 14 -23.26 -12.99 13.02
N THR D 15 -23.46 -12.70 11.73
CA THR D 15 -24.83 -12.69 11.26
C THR D 15 -25.18 -14.04 10.65
N ASN D 16 -26.47 -14.25 10.38
CA ASN D 16 -26.98 -15.49 9.82
C ASN D 16 -26.36 -16.74 10.43
N ALA D 17 -26.11 -16.69 11.72
CA ALA D 17 -25.60 -17.84 12.44
C ALA D 17 -26.49 -18.98 12.02
N ASP D 18 -25.91 -20.15 11.81
CA ASP D 18 -26.78 -21.31 11.51
C ASP D 18 -27.57 -21.24 10.17
N LYS D 19 -27.32 -20.21 9.36
CA LYS D 19 -27.46 -20.32 7.91
C LYS D 19 -26.42 -21.33 7.41
N VAL D 20 -26.88 -22.29 6.63
CA VAL D 20 -26.03 -23.42 6.27
C VAL D 20 -25.21 -23.04 5.10
N LEU D 21 -23.92 -23.35 5.14
CA LEU D 21 -23.04 -23.05 4.07
C LEU D 21 -22.55 -24.34 3.39
N TYR D 22 -22.68 -25.48 4.06
CA TYR D 22 -22.44 -26.78 3.41
C TYR D 22 -23.72 -27.63 3.50
N PRO D 23 -24.56 -27.55 2.46
CA PRO D 23 -25.87 -28.20 2.44
C PRO D 23 -25.77 -29.72 2.61
N ALA D 24 -24.63 -30.31 2.28
CA ALA D 24 -24.52 -31.76 2.32
C ALA D 24 -24.41 -32.27 3.73
N THR D 25 -23.88 -31.43 4.62
CA THR D 25 -23.58 -31.87 5.97
C THR D 25 -24.27 -31.02 7.03
N GLY D 26 -25.07 -30.04 6.60
CA GLY D 26 -25.71 -29.08 7.51
C GLY D 26 -24.75 -28.20 8.31
N THR D 27 -23.61 -27.86 7.73
CA THR D 27 -22.62 -27.00 8.39
C THR D 27 -22.96 -25.52 8.22
N THR D 28 -23.27 -24.87 9.36
CA THR D 28 -23.76 -23.51 9.42
C THR D 28 -22.61 -22.51 9.63
N LYS D 29 -22.85 -21.22 9.44
CA LYS D 29 -21.81 -20.19 9.74
C LYS D 29 -21.32 -20.28 11.17
N SER D 30 -22.22 -20.62 12.08
CA SER D 30 -21.89 -20.79 13.49
C SER D 30 -20.88 -21.89 13.65
N ASP D 31 -21.11 -22.99 12.93
CA ASP D 31 -20.19 -24.12 12.92
C ASP D 31 -18.82 -23.66 12.49
N ILE D 32 -18.79 -22.86 11.44
CA ILE D 32 -17.54 -22.47 10.85
C ILE D 32 -16.87 -21.52 11.80
N PHE D 33 -17.67 -20.61 12.33
CA PHE D 33 -17.21 -19.60 13.27
C PHE D 33 -16.47 -20.29 14.38
N ASP D 34 -17.09 -21.32 14.93
CA ASP D 34 -16.48 -22.08 16.00
C ASP D 34 -15.22 -22.74 15.54
N TYR D 35 -15.25 -23.30 14.33
CA TYR D 35 -14.09 -24.00 13.83
C TYR D 35 -12.89 -23.07 13.86
N TYR D 36 -13.05 -21.96 13.15
CA TYR D 36 -11.99 -20.98 13.02
C TYR D 36 -11.50 -20.45 14.34
N ALA D 37 -12.40 -20.26 15.29
CA ALA D 37 -12.01 -19.87 16.65
C ALA D 37 -11.27 -21.01 17.35
N GLY D 38 -11.62 -22.24 16.98
CA GLY D 38 -11.04 -23.43 17.61
C GLY D 38 -9.63 -23.70 17.11
N VAL D 39 -9.32 -23.36 15.86
CA VAL D 39 -7.96 -23.54 15.30
C VAL D 39 -7.02 -22.31 15.30
N ALA D 40 -7.50 -21.16 15.71
CA ALA D 40 -6.73 -19.90 15.70
C ALA D 40 -5.31 -20.03 16.24
N GLU D 41 -5.18 -20.70 17.37
CA GLU D 41 -3.87 -20.79 18.00
C GLU D 41 -2.88 -21.57 17.16
N VAL D 42 -3.30 -22.73 16.65
CA VAL D 42 -2.40 -23.56 15.82
C VAL D 42 -2.23 -23.03 14.41
N MET D 43 -3.19 -22.20 13.96
CA MET D 43 -3.20 -21.73 12.56
C MET D 43 -2.58 -20.35 12.32
N LEU D 44 -2.74 -19.44 13.30
CA LEU D 44 -2.34 -18.05 13.13
C LEU D 44 -0.87 -17.85 12.78
N GLY D 45 0.02 -18.68 13.32
CA GLY D 45 1.43 -18.53 13.01
C GLY D 45 1.75 -18.83 11.55
N HIS D 46 0.95 -19.68 10.91
CA HIS D 46 1.14 -19.99 9.50
C HIS D 46 0.50 -19.00 8.49
N ILE D 47 -0.21 -17.99 8.99
CA ILE D 47 -0.74 -16.96 8.08
C ILE D 47 -0.40 -15.53 8.50
N ALA D 48 -0.20 -15.30 9.80
CA ALA D 48 0.20 -13.97 10.26
C ALA D 48 1.31 -13.47 9.36
N GLY D 49 1.24 -12.20 8.96
CA GLY D 49 2.36 -11.56 8.28
C GLY D 49 2.22 -11.68 6.77
N ARG D 50 1.26 -12.49 6.33
CA ARG D 50 1.07 -12.71 4.91
C ARG D 50 -0.27 -12.14 4.50
N PRO D 51 -0.36 -11.63 3.27
CA PRO D 51 -1.64 -11.13 2.77
C PRO D 51 -2.63 -12.30 2.56
N ALA D 52 -3.88 -12.10 2.95
CA ALA D 52 -4.86 -13.17 2.98
C ALA D 52 -5.79 -13.00 1.82
N THR D 53 -5.67 -13.92 0.86
CA THR D 53 -6.56 -13.98 -0.29
C THR D 53 -7.71 -14.83 0.20
N ARG D 54 -8.92 -14.33 -0.04
CA ARG D 54 -10.11 -14.98 0.45
C ARG D 54 -10.86 -15.58 -0.72
N LYS D 55 -11.40 -16.78 -0.54
CA LYS D 55 -12.40 -17.24 -1.50
C LYS D 55 -13.74 -17.42 -0.79
N ARG D 56 -14.77 -16.78 -1.31
CA ARG D 56 -16.01 -16.59 -0.53
C ARG D 56 -17.24 -17.19 -1.13
N TRP D 57 -18.02 -17.86 -0.27
CA TRP D 57 -19.29 -18.49 -0.66
C TRP D 57 -20.37 -18.01 0.29
N PRO D 58 -20.75 -16.74 0.18
CA PRO D 58 -21.78 -16.19 1.07
C PRO D 58 -23.03 -17.04 1.07
N ASN D 59 -23.26 -17.75 -0.02
CA ASN D 59 -24.53 -18.43 -0.17
C ASN D 59 -24.38 -19.91 -0.12
N GLY D 60 -23.24 -20.39 0.36
CA GLY D 60 -22.99 -21.82 0.42
C GLY D 60 -22.17 -22.40 -0.75
N VAL D 61 -21.41 -23.44 -0.46
CA VAL D 61 -20.61 -24.16 -1.44
C VAL D 61 -21.37 -24.54 -2.71
N ASP D 62 -22.71 -24.52 -2.64
CA ASP D 62 -23.57 -24.85 -3.78
C ASP D 62 -23.91 -23.67 -4.68
N GLN D 63 -23.32 -22.52 -4.41
CA GLN D 63 -23.78 -21.32 -5.05
C GLN D 63 -22.51 -20.64 -5.46
N PRO D 64 -22.54 -19.82 -6.53
CA PRO D 64 -21.31 -19.21 -7.03
C PRO D 64 -20.37 -18.65 -5.95
N ALA D 65 -19.08 -18.77 -6.18
CA ALA D 65 -18.09 -18.25 -5.25
C ALA D 65 -17.33 -17.13 -5.92
N PHE D 66 -16.50 -16.43 -5.17
CA PHE D 66 -15.58 -15.43 -5.74
C PHE D 66 -14.27 -15.33 -4.92
N PHE D 67 -13.17 -15.23 -5.65
CA PHE D 67 -11.87 -14.96 -5.08
C PHE D 67 -11.87 -13.47 -4.82
N GLU D 68 -11.29 -13.06 -3.70
CA GLU D 68 -11.24 -11.65 -3.36
C GLU D 68 -9.91 -11.36 -2.67
N LYS D 69 -9.17 -10.36 -3.15
CA LYS D 69 -7.88 -9.97 -2.58
C LYS D 69 -7.88 -8.51 -2.07
N GLN D 70 -8.37 -7.60 -2.91
CA GLN D 70 -8.43 -6.21 -2.51
C GLN D 70 -9.32 -6.23 -1.26
N LEU D 71 -8.97 -5.42 -0.27
CA LEU D 71 -9.72 -5.34 0.98
C LEU D 71 -10.79 -4.26 0.84
N ALA D 72 -12.05 -4.57 1.17
CA ALA D 72 -13.15 -3.63 1.00
C ALA D 72 -12.98 -2.40 1.90
N LEU D 73 -13.44 -1.26 1.42
CA LEU D 73 -13.38 -0.03 2.22
C LEU D 73 -14.18 -0.18 3.51
N SER D 74 -15.12 -1.11 3.50
CA SER D 74 -16.04 -1.28 4.66
C SER D 74 -15.52 -2.29 5.66
N ALA D 75 -14.32 -2.81 5.43
CA ALA D 75 -13.78 -3.75 6.38
C ALA D 75 -13.44 -3.05 7.70
N PRO D 76 -13.62 -3.77 8.82
CA PRO D 76 -13.16 -3.26 10.09
C PRO D 76 -11.84 -2.52 9.92
N PRO D 77 -11.70 -1.38 10.61
CA PRO D 77 -10.50 -0.54 10.59
C PRO D 77 -9.34 -1.11 11.41
N TRP D 78 -9.57 -2.16 12.20
CA TRP D 78 -8.53 -2.72 13.04
C TRP D 78 -7.76 -3.83 12.35
N LEU D 79 -8.28 -4.30 11.23
CA LEU D 79 -7.56 -5.31 10.48
C LEU D 79 -6.25 -4.75 9.92
N SER D 80 -5.13 -5.35 10.27
CA SER D 80 -3.87 -5.07 9.62
C SER D 80 -4.09 -5.16 8.12
N ARG D 81 -3.17 -4.55 7.37
CA ARG D 81 -3.23 -4.54 5.92
C ARG D 81 -1.88 -4.09 5.39
N ALA D 82 -1.65 -4.30 4.10
CA ALA D 82 -0.42 -3.87 3.43
C ALA D 82 -0.64 -3.96 1.93
N THR D 83 0.16 -3.24 1.15
CA THR D 83 -0.04 -3.24 -0.29
C THR D 83 1.02 -3.96 -1.09
N VAL D 84 0.61 -4.57 -2.20
CA VAL D 84 1.55 -5.08 -3.21
C VAL D 84 1.30 -4.38 -4.54
N ALA D 85 2.32 -3.71 -5.05
CA ALA D 85 2.30 -3.09 -6.37
C ALA D 85 2.10 -4.16 -7.43
N HIS D 86 1.04 -4.05 -8.23
CA HIS D 86 0.64 -5.16 -9.11
C HIS D 86 0.52 -4.68 -10.55
N ARG D 87 1.65 -4.44 -11.22
CA ARG D 87 1.65 -3.94 -12.61
C ARG D 87 0.33 -3.33 -13.10
N SER D 88 -0.70 -4.13 -13.22
CA SER D 88 -2.06 -3.61 -13.50
C SER D 88 -2.43 -2.48 -12.53
N GLY D 89 -1.69 -2.36 -11.43
CA GLY D 89 -1.98 -1.33 -10.41
C GLY D 89 -1.51 -1.76 -9.02
N THR D 90 -2.39 -1.64 -8.04
CA THR D 90 -2.04 -1.81 -6.63
C THR D 90 -3.14 -2.57 -5.89
N THR D 91 -2.78 -3.47 -4.99
CA THR D 91 -3.77 -4.18 -4.18
C THR D 91 -3.47 -4.11 -2.70
N THR D 92 -4.44 -3.69 -1.90
CA THR D 92 -4.27 -3.69 -0.44
C THR D 92 -4.93 -4.93 0.10
N TYR D 93 -4.15 -5.79 0.73
CA TYR D 93 -4.69 -7.02 1.27
C TYR D 93 -4.89 -6.87 2.75
N PRO D 94 -5.75 -7.71 3.35
CA PRO D 94 -5.73 -7.78 4.80
C PRO D 94 -4.65 -8.78 5.22
N ILE D 95 -4.17 -8.67 6.45
CA ILE D 95 -3.28 -9.66 7.00
C ILE D 95 -3.99 -10.22 8.22
N ILE D 96 -4.42 -11.48 8.17
CA ILE D 96 -5.02 -12.13 9.33
C ILE D 96 -4.01 -12.53 10.38
N ASP D 97 -4.08 -11.95 11.58
CA ASP D 97 -3.09 -12.28 12.61
C ASP D 97 -3.65 -12.32 14.01
N SER D 98 -4.98 -12.29 14.15
CA SER D 98 -5.57 -12.46 15.46
C SER D 98 -6.76 -13.42 15.39
N ALA D 99 -7.23 -13.90 16.53
CA ALA D 99 -8.43 -14.75 16.52
C ALA D 99 -9.63 -13.96 16.03
N THR D 100 -9.60 -12.65 16.22
CA THR D 100 -10.70 -11.80 15.78
C THR D 100 -10.67 -11.60 14.25
N GLY D 101 -9.49 -11.57 13.67
CA GLY D 101 -9.38 -11.48 12.23
C GLY D 101 -10.00 -12.72 11.63
N LEU D 102 -9.85 -13.85 12.30
CA LEU D 102 -10.44 -15.10 11.85
C LEU D 102 -11.94 -15.10 12.02
N ALA D 103 -12.43 -14.34 13.00
CA ALA D 103 -13.87 -14.29 13.21
C ALA D 103 -14.50 -13.47 12.12
N TRP D 104 -13.80 -12.43 11.70
CA TRP D 104 -14.17 -11.75 10.46
C TRP D 104 -14.19 -12.72 9.28
N ILE D 105 -13.12 -13.53 9.16
CA ILE D 105 -12.95 -14.45 8.04
C ILE D 105 -14.20 -15.33 7.97
N ALA D 106 -14.57 -15.95 9.10
CA ALA D 106 -15.81 -16.73 9.23
C ALA D 106 -17.06 -15.96 8.83
N GLN D 107 -17.27 -14.80 9.45
CA GLN D 107 -18.45 -13.99 9.13
C GLN D 107 -18.55 -13.55 7.66
N GLN D 108 -17.42 -13.57 6.96
CA GLN D 108 -17.35 -13.04 5.58
C GLN D 108 -17.67 -14.15 4.65
N ALA D 109 -17.73 -15.35 5.22
CA ALA D 109 -18.08 -16.54 4.49
C ALA D 109 -16.88 -16.87 3.62
N ALA D 110 -15.72 -16.37 4.07
CA ALA D 110 -14.46 -16.69 3.40
C ALA D 110 -14.01 -18.02 3.94
N LEU D 111 -14.63 -19.10 3.44
CA LEU D 111 -14.28 -20.43 3.86
C LEU D 111 -12.80 -20.70 3.64
N GLU D 112 -12.22 -20.18 2.55
CA GLU D 112 -10.82 -20.43 2.24
C GLU D 112 -9.85 -19.25 2.48
N VAL D 113 -8.73 -19.55 3.15
CA VAL D 113 -7.66 -18.60 3.26
C VAL D 113 -6.45 -19.02 2.47
N HIS D 114 -6.13 -18.22 1.47
CA HIS D 114 -4.98 -18.45 0.65
C HIS D 114 -3.86 -17.46 0.97
N VAL D 115 -2.66 -17.99 1.12
CA VAL D 115 -1.47 -17.19 1.38
C VAL D 115 -0.23 -17.64 0.60
N PRO D 116 0.70 -16.67 0.32
CA PRO D 116 1.93 -16.90 -0.42
C PRO D 116 2.95 -17.34 0.58
N GLN D 117 4.09 -17.84 0.12
CA GLN D 117 5.05 -18.40 1.06
C GLN D 117 5.95 -17.37 1.74
N TRP D 118 5.75 -16.08 1.44
CA TRP D 118 6.49 -14.99 2.09
C TRP D 118 5.65 -14.21 3.11
N ARG D 119 6.35 -13.50 3.98
CA ARG D 119 5.79 -12.55 4.96
C ARG D 119 6.20 -11.13 4.56
N PHE D 120 5.42 -10.14 4.99
CA PHE D 120 5.78 -8.76 4.77
C PHE D 120 6.89 -8.41 5.76
N VAL D 121 7.79 -7.54 5.33
CA VAL D 121 8.82 -7.00 6.23
C VAL D 121 8.72 -5.48 6.22
N ALA D 122 8.79 -4.86 7.39
CA ALA D 122 8.72 -3.39 7.49
C ALA D 122 10.02 -2.77 7.04
N GLU D 123 9.99 -1.77 6.16
CA GLU D 123 11.23 -1.06 5.80
C GLU D 123 11.81 -0.34 7.01
N PRO D 124 13.12 -0.45 7.24
CA PRO D 124 13.79 0.32 8.31
C PRO D 124 13.45 1.82 8.38
N GLY D 125 13.29 2.50 7.25
CA GLY D 125 13.04 3.93 7.25
C GLY D 125 11.60 4.36 7.47
N SER D 126 10.69 3.88 6.62
CA SER D 126 9.28 4.24 6.68
C SER D 126 8.42 3.34 7.59
N GLY D 127 8.89 2.12 7.82
CA GLY D 127 8.12 1.09 8.51
C GLY D 127 7.03 0.52 7.63
N GLU D 128 6.96 0.99 6.40
CA GLU D 128 6.01 0.45 5.44
C GLU D 128 6.30 -1.01 5.14
N LEU D 129 5.24 -1.78 5.07
CA LEU D 129 5.30 -3.23 4.85
C LEU D 129 5.49 -3.57 3.37
N ASN D 130 6.64 -4.13 3.03
CA ASN D 130 6.90 -4.64 1.68
C ASN D 130 7.20 -6.15 1.71
N PRO D 131 6.96 -6.86 0.57
CA PRO D 131 7.14 -8.30 0.61
C PRO D 131 8.57 -8.64 0.98
N GLY D 132 8.76 -9.66 1.81
CA GLY D 132 10.09 -10.05 2.25
C GLY D 132 10.54 -11.35 1.63
N PRO D 133 11.60 -11.95 2.17
CA PRO D 133 12.01 -13.29 1.74
C PRO D 133 10.92 -14.35 2.00
N ALA D 134 11.04 -15.50 1.32
CA ALA D 134 10.15 -16.63 1.52
C ALA D 134 10.57 -17.27 2.82
N THR D 135 9.61 -17.66 3.66
CA THR D 135 10.00 -18.30 4.91
C THR D 135 9.76 -19.80 4.86
N ARG D 136 9.20 -20.26 3.73
CA ARG D 136 9.02 -21.70 3.54
C ARG D 136 8.84 -22.12 2.07
N LEU D 137 9.32 -23.31 1.70
CA LEU D 137 8.96 -23.91 0.40
C LEU D 137 7.64 -24.67 0.51
N VAL D 138 6.81 -24.54 -0.53
CA VAL D 138 5.66 -25.40 -0.63
C VAL D 138 5.78 -26.16 -1.92
N PHE D 139 5.33 -27.40 -1.88
CA PHE D 139 5.12 -28.18 -3.08
C PHE D 139 3.66 -28.58 -3.09
N ASP D 140 3.01 -28.42 -4.24
CA ASP D 140 1.62 -28.86 -4.41
C ASP D 140 1.59 -30.09 -5.35
N LEU D 141 1.26 -31.22 -4.75
CA LEU D 141 1.26 -32.49 -5.48
C LEU D 141 -0.14 -32.74 -5.97
N ASP D 142 -0.34 -32.51 -7.27
CA ASP D 142 -1.68 -32.44 -7.83
C ASP D 142 -1.88 -33.59 -8.81
N PRO D 143 -2.78 -34.54 -8.48
CA PRO D 143 -2.95 -35.72 -9.32
C PRO D 143 -3.63 -35.45 -10.65
N GLY D 144 -3.18 -36.14 -11.69
CA GLY D 144 -3.94 -36.17 -12.94
C GLY D 144 -5.17 -37.02 -12.69
N GLU D 145 -6.14 -36.90 -13.59
CA GLU D 145 -7.33 -37.75 -13.57
C GLU D 145 -7.10 -39.20 -13.15
N GLY D 146 -7.88 -39.62 -12.17
CA GLY D 146 -7.89 -41.01 -11.68
C GLY D 146 -6.67 -41.45 -10.88
N VAL D 147 -5.79 -40.51 -10.57
CA VAL D 147 -4.64 -40.90 -9.76
C VAL D 147 -5.14 -40.94 -8.33
N MET D 148 -4.65 -41.90 -7.58
CA MET D 148 -5.10 -42.02 -6.21
C MET D 148 -4.00 -41.71 -5.22
N MET D 149 -4.43 -41.27 -4.03
CA MET D 149 -3.57 -41.20 -2.84
C MET D 149 -2.79 -42.49 -2.77
N ALA D 150 -1.56 -42.47 -2.30
CA ALA D 150 -0.74 -43.66 -2.50
C ALA D 150 0.17 -43.40 -3.66
N GLN D 151 -0.39 -43.04 -4.82
CA GLN D 151 0.48 -42.48 -5.86
C GLN D 151 1.03 -41.13 -5.35
N LEU D 152 0.13 -40.30 -4.84
CA LEU D 152 0.49 -38.99 -4.31
C LEU D 152 1.42 -39.18 -3.11
N ALA D 153 1.08 -40.13 -2.27
CA ALA D 153 1.89 -40.42 -1.07
C ALA D 153 3.27 -40.96 -1.45
N GLU D 154 3.34 -41.84 -2.43
CA GLU D 154 4.65 -42.31 -2.90
C GLU D 154 5.49 -41.16 -3.46
N VAL D 155 4.88 -40.31 -4.27
CA VAL D 155 5.59 -39.18 -4.87
C VAL D 155 6.01 -38.18 -3.78
N ALA D 156 5.18 -38.05 -2.75
CA ALA D 156 5.54 -37.26 -1.59
C ALA D 156 6.74 -37.83 -0.80
N ARG D 157 6.87 -39.15 -0.70
CA ARG D 157 8.05 -39.72 -0.02
C ARG D 157 9.31 -39.45 -0.80
N ALA D 158 9.19 -39.39 -2.12
CA ALA D 158 10.35 -39.10 -2.97
C ALA D 158 10.80 -37.63 -2.87
N VAL D 159 9.84 -36.70 -2.89
CA VAL D 159 10.16 -35.29 -2.65
C VAL D 159 10.85 -35.14 -1.29
N ARG D 160 10.27 -35.76 -0.26
CA ARG D 160 10.89 -35.84 1.06
C ARG D 160 12.33 -36.31 0.95
N ASP D 161 12.54 -37.36 0.18
CA ASP D 161 13.88 -37.93 0.03
C ASP D 161 14.80 -36.89 -0.59
N LEU D 162 14.31 -36.18 -1.59
CA LEU D 162 15.15 -35.23 -2.32
C LEU D 162 15.44 -34.00 -1.47
N LEU D 163 14.49 -33.65 -0.62
CA LEU D 163 14.65 -32.51 0.28
C LEU D 163 15.57 -32.87 1.43
N ALA D 164 15.44 -34.09 1.94
CA ALA D 164 16.36 -34.56 2.99
C ALA D 164 17.78 -34.58 2.44
N ASP D 165 17.92 -35.05 1.21
CA ASP D 165 19.22 -35.10 0.56
C ASP D 165 19.93 -33.73 0.53
N ILE D 166 19.14 -32.67 0.68
CA ILE D 166 19.68 -31.32 0.77
C ILE D 166 19.54 -30.69 2.17
N GLY D 167 19.31 -31.50 3.19
CA GLY D 167 19.24 -30.99 4.55
C GLY D 167 18.08 -30.07 4.82
N LEU D 168 16.90 -30.45 4.35
CA LEU D 168 15.66 -29.77 4.66
C LEU D 168 14.62 -30.84 4.99
N VAL D 169 13.80 -30.57 6.02
CA VAL D 169 12.70 -31.43 6.40
C VAL D 169 11.37 -30.98 5.74
N THR D 170 10.38 -31.88 5.78
CA THR D 170 9.21 -31.75 4.95
C THR D 170 7.99 -32.18 5.74
N PHE D 171 6.92 -31.41 5.61
CA PHE D 171 5.73 -31.60 6.41
C PHE D 171 4.53 -31.76 5.48
N PRO D 172 3.83 -32.89 5.58
CA PRO D 172 2.72 -33.20 4.69
C PRO D 172 1.41 -32.64 5.15
N VAL D 173 0.63 -32.10 4.23
CA VAL D 173 -0.65 -31.53 4.50
C VAL D 173 -1.65 -31.94 3.43
N THR D 174 -2.59 -32.83 3.75
CA THR D 174 -3.66 -33.10 2.81
C THR D 174 -4.44 -31.79 2.68
N SER D 175 -4.62 -31.34 1.45
CA SER D 175 -5.09 -30.01 1.17
C SER D 175 -6.58 -29.81 1.40
N GLY D 176 -7.33 -30.89 1.55
CA GLY D 176 -8.78 -30.73 1.72
C GLY D 176 -9.57 -30.97 0.45
N SER D 177 -8.91 -30.83 -0.70
CA SER D 177 -9.57 -31.14 -1.96
C SER D 177 -9.08 -32.46 -2.50
N LYS D 178 -8.06 -32.42 -3.34
CA LYS D 178 -7.59 -33.63 -3.99
C LYS D 178 -6.07 -33.76 -3.94
N GLY D 179 -5.37 -32.64 -3.69
CA GLY D 179 -3.94 -32.73 -3.66
C GLY D 179 -3.36 -33.18 -2.33
N LEU D 180 -2.03 -33.07 -2.27
CA LEU D 180 -1.24 -33.31 -1.08
C LEU D 180 -0.26 -32.16 -1.07
N HIS D 181 -0.20 -31.37 0.00
CA HIS D 181 0.81 -30.31 0.02
C HIS D 181 1.98 -30.61 0.93
N LEU D 182 3.16 -30.15 0.51
CA LEU D 182 4.40 -30.35 1.29
C LEU D 182 5.10 -29.01 1.67
N TYR D 183 5.29 -28.78 2.96
CA TYR D 183 5.93 -27.51 3.42
C TYR D 183 7.28 -27.78 4.05
N THR D 184 8.23 -26.91 3.74
CA THR D 184 9.58 -27.03 4.21
C THR D 184 9.96 -25.66 4.76
N PRO D 185 10.51 -25.62 5.98
CA PRO D 185 10.89 -24.36 6.58
C PRO D 185 12.20 -23.87 5.99
N LEU D 186 12.38 -22.56 5.92
CA LEU D 186 13.62 -22.01 5.39
C LEU D 186 14.21 -21.22 6.51
N ASP D 187 14.95 -21.89 7.40
CA ASP D 187 15.41 -21.23 8.61
C ASP D 187 16.23 -20.01 8.21
N GLU D 188 16.86 -20.08 7.04
CA GLU D 188 17.64 -18.98 6.52
C GLU D 188 16.84 -18.32 5.41
N PRO D 189 16.58 -17.01 5.55
CA PRO D 189 15.70 -16.32 4.59
C PRO D 189 16.17 -16.52 3.14
N VAL D 190 15.25 -16.68 2.21
CA VAL D 190 15.68 -16.79 0.82
C VAL D 190 14.65 -16.04 0.00
N SER D 191 15.03 -15.48 -1.14
CA SER D 191 14.07 -14.72 -1.92
C SER D 191 13.06 -15.65 -2.62
N SER D 192 11.85 -15.17 -2.85
CA SER D 192 10.80 -15.98 -3.47
C SER D 192 11.34 -16.65 -4.72
N ARG D 193 12.28 -15.98 -5.36
CA ARG D 193 12.83 -16.40 -6.62
C ARG D 193 13.90 -17.47 -6.43
N GLY D 194 14.75 -17.24 -5.43
CA GLY D 194 15.70 -18.24 -5.03
C GLY D 194 14.96 -19.53 -4.79
N ALA D 195 13.88 -19.43 -4.01
CA ALA D 195 13.07 -20.59 -3.57
C ALA D 195 12.42 -21.37 -4.71
N THR D 196 11.92 -20.63 -5.69
CA THR D 196 11.31 -21.18 -6.86
C THR D 196 12.33 -21.96 -7.70
N VAL D 197 13.50 -21.37 -7.95
CA VAL D 197 14.67 -22.06 -8.55
C VAL D 197 14.93 -23.42 -7.87
N LEU D 198 15.00 -23.44 -6.55
CA LEU D 198 15.19 -24.67 -5.76
C LEU D 198 14.04 -25.67 -5.96
N ALA D 199 12.81 -25.20 -5.88
CA ALA D 199 11.67 -26.08 -5.96
C ALA D 199 11.69 -26.69 -7.35
N LYS D 200 12.08 -25.89 -8.32
CA LYS D 200 12.18 -26.34 -9.70
C LYS D 200 13.19 -27.47 -9.89
N ARG D 201 14.41 -27.29 -9.39
CA ARG D 201 15.39 -28.35 -9.60
C ARG D 201 14.81 -29.61 -8.99
N VAL D 202 14.32 -29.49 -7.76
CA VAL D 202 13.83 -30.65 -7.05
C VAL D 202 12.80 -31.43 -7.85
N ALA D 203 11.85 -30.69 -8.44
CA ALA D 203 10.77 -31.26 -9.21
C ALA D 203 11.25 -31.87 -10.52
N GLN D 204 12.15 -31.16 -11.18
CA GLN D 204 12.78 -31.65 -12.39
C GLN D 204 13.59 -32.91 -12.13
N ARG D 205 14.29 -32.96 -11.01
CA ARG D 205 15.05 -34.13 -10.67
C ARG D 205 14.17 -35.36 -10.41
N LEU D 206 13.03 -35.17 -9.73
CA LEU D 206 12.08 -36.28 -9.52
C LEU D 206 11.43 -36.74 -10.82
N GLU D 207 10.91 -35.78 -11.60
CA GLU D 207 10.44 -36.06 -12.97
C GLU D 207 11.46 -36.92 -13.76
N GLN D 208 12.76 -36.71 -13.52
CA GLN D 208 13.78 -37.51 -14.18
C GLN D 208 13.96 -38.90 -13.57
N ALA D 209 13.81 -39.03 -12.26
CA ALA D 209 13.90 -40.34 -11.60
C ALA D 209 12.67 -41.24 -11.88
N MET D 210 11.48 -40.66 -11.95
CA MET D 210 10.24 -41.41 -12.10
C MET D 210 9.43 -40.85 -13.26
N PRO D 211 9.97 -40.86 -14.47
CA PRO D 211 9.23 -40.15 -15.50
C PRO D 211 7.83 -40.73 -15.69
N ALA D 212 7.60 -41.92 -15.16
CA ALA D 212 6.28 -42.56 -15.34
C ALA D 212 5.23 -42.09 -14.36
N LEU D 213 5.65 -41.64 -13.19
CA LEU D 213 4.71 -41.23 -12.15
C LEU D 213 4.58 -39.71 -11.95
N VAL D 214 5.60 -38.98 -12.40
CA VAL D 214 5.75 -37.58 -12.00
C VAL D 214 6.03 -36.68 -13.20
N THR D 215 5.25 -35.61 -13.31
CA THR D 215 5.54 -34.53 -14.20
C THR D 215 5.78 -33.28 -13.39
N SER D 216 6.58 -32.35 -13.94
CA SER D 216 6.92 -31.09 -13.28
C SER D 216 6.41 -29.92 -14.11
N THR D 217 5.55 -30.22 -15.10
CA THR D 217 4.94 -29.17 -15.91
C THR D 217 3.41 -29.09 -15.81
N MET D 218 2.86 -28.00 -16.25
CA MET D 218 1.45 -27.73 -16.09
C MET D 218 0.61 -28.37 -17.17
N THR D 219 1.17 -28.44 -18.38
CA THR D 219 0.44 -28.92 -19.54
C THR D 219 -0.49 -30.06 -19.20
N LYS D 220 -1.74 -29.97 -19.65
CA LYS D 220 -2.74 -30.95 -19.23
C LYS D 220 -2.51 -32.34 -19.81
N SER D 221 -2.20 -32.41 -21.09
CA SER D 221 -1.98 -33.70 -21.73
C SER D 221 -0.81 -34.47 -21.15
N LEU D 222 0.05 -33.79 -20.38
CA LEU D 222 1.18 -34.50 -19.79
C LEU D 222 0.86 -34.95 -18.36
N ARG D 223 -0.32 -34.60 -17.86
CA ARG D 223 -0.66 -34.98 -16.49
C ARG D 223 -1.49 -36.25 -16.37
N ALA D 224 -1.93 -36.79 -17.49
CA ALA D 224 -2.61 -38.08 -17.49
C ALA D 224 -1.80 -39.12 -16.75
N GLY D 225 -2.35 -39.60 -15.65
CA GLY D 225 -1.84 -40.77 -14.98
C GLY D 225 -0.59 -40.46 -14.20
N LYS D 226 -0.44 -39.20 -13.82
CA LYS D 226 0.80 -38.77 -13.21
C LYS D 226 0.58 -37.73 -12.16
N VAL D 227 1.56 -37.57 -11.27
CA VAL D 227 1.47 -36.52 -10.23
C VAL D 227 2.20 -35.27 -10.75
N PHE D 228 1.47 -34.17 -10.82
CA PHE D 228 2.07 -32.88 -11.05
C PHE D 228 2.72 -32.31 -9.77
N VAL D 229 4.04 -32.42 -9.63
CA VAL D 229 4.75 -31.74 -8.53
C VAL D 229 4.91 -30.26 -8.87
N ASP D 230 3.95 -29.45 -8.46
CA ASP D 230 3.93 -28.08 -8.88
C ASP D 230 4.84 -27.30 -7.96
N TRP D 231 5.85 -26.68 -8.56
CA TRP D 231 6.91 -26.03 -7.82
C TRP D 231 6.73 -24.51 -7.90
N SER D 232 5.85 -24.09 -8.81
CA SER D 232 5.70 -22.71 -9.19
C SER D 232 4.96 -21.84 -8.19
N GLN D 233 4.38 -22.43 -7.16
CA GLN D 233 3.58 -21.62 -6.25
C GLN D 233 4.48 -20.93 -5.27
N ASN D 234 5.77 -21.17 -5.44
CA ASN D 234 6.78 -20.48 -4.69
C ASN D 234 7.02 -19.10 -5.30
N SER D 235 6.48 -18.82 -6.47
CA SER D 235 6.60 -17.46 -6.99
C SER D 235 6.00 -16.54 -5.94
N GLY D 236 6.60 -15.39 -5.75
CA GLY D 236 6.07 -14.39 -4.86
C GLY D 236 4.70 -13.89 -5.28
N SER D 237 4.28 -14.24 -6.48
CA SER D 237 3.00 -13.75 -6.94
C SER D 237 1.87 -14.80 -6.89
N LYS D 238 2.16 -16.01 -6.47
CA LYS D 238 1.06 -16.97 -6.35
C LYS D 238 0.66 -17.23 -4.88
N THR D 239 -0.32 -18.08 -4.72
CA THR D 239 -0.92 -18.31 -3.44
C THR D 239 -1.19 -19.82 -3.25
N THR D 240 -1.20 -20.26 -1.99
CA THR D 240 -1.49 -21.64 -1.63
C THR D 240 -2.41 -21.59 -0.40
N ILE D 241 -3.46 -22.41 -0.48
CA ILE D 241 -4.37 -22.66 0.59
C ILE D 241 -3.55 -22.73 1.88
N ALA D 242 -4.01 -22.06 2.91
CA ALA D 242 -3.29 -22.04 4.17
C ALA D 242 -3.67 -23.27 5.00
N PRO D 243 -2.69 -23.81 5.76
CA PRO D 243 -2.93 -24.93 6.60
C PRO D 243 -4.04 -24.65 7.61
N TYR D 244 -4.95 -25.62 7.79
CA TYR D 244 -6.03 -25.48 8.72
C TYR D 244 -7.17 -24.69 8.08
N SER D 245 -7.01 -24.28 6.84
CA SER D 245 -8.17 -23.67 6.16
C SER D 245 -9.22 -24.71 5.83
N LEU D 246 -10.48 -24.28 5.94
CA LEU D 246 -11.58 -24.98 5.34
C LEU D 246 -11.45 -25.00 3.81
N ARG D 247 -12.27 -25.84 3.17
CA ARG D 247 -12.42 -25.85 1.71
C ARG D 247 -13.85 -25.58 1.23
N GLY D 248 -13.97 -24.95 0.08
CA GLY D 248 -15.30 -24.73 -0.45
C GLY D 248 -15.77 -25.93 -1.26
N ARG D 249 -15.86 -27.08 -0.62
CA ARG D 249 -16.30 -28.28 -1.28
C ARG D 249 -17.57 -28.88 -0.65
N THR D 250 -18.10 -29.94 -1.24
CA THR D 250 -19.39 -30.45 -0.78
C THR D 250 -19.33 -30.80 0.71
N HIS D 251 -18.17 -31.27 1.15
CA HIS D 251 -17.87 -31.48 2.55
C HIS D 251 -16.88 -30.42 3.08
N PRO D 252 -17.00 -30.08 4.36
CA PRO D 252 -16.15 -29.12 5.06
C PRO D 252 -14.86 -29.76 5.49
N THR D 253 -14.03 -30.08 4.50
CA THR D 253 -12.74 -30.66 4.72
C THR D 253 -11.71 -29.55 4.89
N VAL D 254 -10.51 -29.93 5.28
CA VAL D 254 -9.56 -28.97 5.75
C VAL D 254 -8.18 -29.28 5.17
N ALA D 255 -7.39 -28.23 4.94
CA ALA D 255 -5.97 -28.39 4.66
C ALA D 255 -5.27 -28.83 5.94
N ALA D 256 -5.16 -30.14 6.12
CA ALA D 256 -4.77 -30.65 7.42
C ALA D 256 -3.37 -31.24 7.41
N PRO D 257 -2.55 -30.77 8.34
CA PRO D 257 -1.25 -31.38 8.62
C PRO D 257 -1.37 -32.87 8.90
N ARG D 258 -0.48 -33.69 8.31
CA ARG D 258 -0.47 -35.12 8.66
C ARG D 258 0.90 -35.51 9.09
N THR D 259 1.04 -36.68 9.72
CA THR D 259 2.35 -37.32 9.96
C THR D 259 2.70 -38.19 8.76
N TRP D 260 3.97 -38.53 8.65
CA TRP D 260 4.44 -39.42 7.61
C TRP D 260 3.89 -40.84 7.76
N ALA D 261 3.69 -41.26 8.99
CA ALA D 261 3.12 -42.61 9.19
C ALA D 261 1.74 -42.66 8.57
N GLU D 262 1.00 -41.57 8.69
CA GLU D 262 -0.30 -41.50 8.07
C GLU D 262 -0.25 -41.67 6.57
N LEU D 263 0.83 -41.23 5.92
CA LEU D 263 0.87 -41.31 4.46
C LEU D 263 1.16 -42.70 3.98
N ASP D 264 1.44 -43.60 4.93
CA ASP D 264 1.69 -45.00 4.68
C ASP D 264 0.37 -45.76 4.65
N ASP D 265 -0.69 -45.10 5.07
CA ASP D 265 -1.98 -45.77 5.11
C ASP D 265 -2.62 -45.78 3.73
N PRO D 266 -3.00 -46.97 3.25
CA PRO D 266 -3.60 -47.18 1.94
C PRO D 266 -4.89 -46.40 1.78
N ALA D 267 -5.63 -46.29 2.88
CA ALA D 267 -6.95 -45.71 2.84
C ALA D 267 -6.94 -44.25 3.28
N LEU D 268 -5.74 -43.64 3.32
CA LEU D 268 -5.61 -42.19 3.51
C LEU D 268 -6.66 -41.42 2.73
N ARG D 269 -7.20 -40.39 3.35
CA ARG D 269 -8.26 -39.63 2.71
C ARG D 269 -8.16 -38.26 3.31
N GLN D 270 -9.04 -37.34 2.86
CA GLN D 270 -9.05 -35.98 3.40
C GLN D 270 -9.80 -35.96 4.73
N LEU D 271 -9.53 -34.93 5.55
CA LEU D 271 -10.17 -34.79 6.86
C LEU D 271 -11.19 -33.69 6.89
N SER D 272 -12.29 -33.90 7.61
CA SER D 272 -13.26 -32.82 7.85
C SER D 272 -12.84 -32.02 9.09
N TYR D 273 -13.44 -30.84 9.25
CA TYR D 273 -13.02 -29.91 10.32
C TYR D 273 -13.16 -30.51 11.72
N ASP D 274 -14.17 -31.36 11.94
CA ASP D 274 -14.32 -31.87 13.30
C ASP D 274 -13.17 -32.80 13.62
N GLU D 275 -12.76 -33.60 12.65
CA GLU D 275 -11.62 -34.48 12.86
C GLU D 275 -10.38 -33.67 13.12
N VAL D 276 -10.26 -32.52 12.46
CA VAL D 276 -9.08 -31.68 12.69
C VAL D 276 -9.07 -31.08 14.09
N LEU D 277 -10.26 -30.71 14.57
CA LEU D 277 -10.38 -30.22 15.94
C LEU D 277 -9.97 -31.25 16.98
N THR D 278 -10.36 -32.50 16.81
CA THR D 278 -10.07 -33.45 17.87
C THR D 278 -8.58 -33.81 17.82
N ARG D 279 -7.98 -33.73 16.63
CA ARG D 279 -6.57 -34.05 16.47
C ARG D 279 -5.72 -32.98 17.13
N ILE D 280 -6.08 -31.72 16.89
CA ILE D 280 -5.36 -30.61 17.51
C ILE D 280 -5.42 -30.75 19.02
N ALA D 281 -6.60 -31.07 19.54
CA ALA D 281 -6.76 -31.20 20.98
C ALA D 281 -5.80 -32.23 21.55
N ARG D 282 -5.37 -33.15 20.71
CA ARG D 282 -4.54 -34.26 21.17
C ARG D 282 -3.04 -34.08 20.88
N ASP D 283 -2.67 -33.46 19.77
CA ASP D 283 -1.26 -33.35 19.37
C ASP D 283 -0.72 -31.92 19.33
N GLY D 284 -1.61 -30.94 19.27
CA GLY D 284 -1.18 -29.55 19.06
C GLY D 284 -0.92 -29.35 17.58
N ASP D 285 0.00 -28.46 17.23
CA ASP D 285 0.27 -28.14 15.84
C ASP D 285 1.43 -28.94 15.25
N LEU D 286 1.10 -29.95 14.45
CA LEU D 286 2.15 -30.72 13.77
C LEU D 286 3.14 -29.83 12.97
N LEU D 287 2.75 -28.60 12.65
CA LEU D 287 3.57 -27.69 11.85
C LEU D 287 4.32 -26.69 12.74
N GLU D 288 4.25 -26.95 14.03
CA GLU D 288 4.89 -26.07 14.98
C GLU D 288 6.18 -25.56 14.41
N ARG D 289 7.01 -26.50 13.92
CA ARG D 289 8.33 -26.20 13.37
C ARG D 289 8.31 -25.25 12.15
N LEU D 290 7.20 -25.14 11.46
CA LEU D 290 7.19 -24.40 10.20
C LEU D 290 7.37 -22.90 10.33
N ASP D 291 6.76 -22.27 11.31
CA ASP D 291 6.83 -20.82 11.35
C ASP D 291 7.18 -20.36 12.76
N ALA D 292 8.30 -19.64 12.90
CA ALA D 292 8.74 -19.20 14.21
C ALA D 292 8.95 -17.69 14.20
N ASP D 293 8.22 -16.99 15.07
CA ASP D 293 8.01 -15.53 15.03
C ASP D 293 6.53 -15.31 14.75
#